data_9EAJ
#
_entry.id   9EAJ
#
_cell.length_a   1.00
_cell.length_b   1.00
_cell.length_c   1.00
_cell.angle_alpha   90.00
_cell.angle_beta   90.00
_cell.angle_gamma   90.00
#
_symmetry.space_group_name_H-M   'P 1'
#
loop_
_entity.id
_entity.type
_entity.pdbx_description
1 polymer 'Nanobody AT206,Type-1 angiotensin II receptor,Soluble cytochrome b562'
2 polymer 'BAG2 Anti-BRIL Fab Heavy Chain'
3 polymer 'BAG2 Anti-BRIL Fab Light Chain'
#
loop_
_entity_poly.entity_id
_entity_poly.type
_entity_poly.pdbx_seq_one_letter_code
_entity_poly.pdbx_strand_id
1 'polypeptide(L)'
;QVQLQESGGGLVQAGGSLRLSCAASGSISYYRMGWYRQAPGKEREFVAGIGVGTTTNYADSVKGRFTISRDNAKNTVYLQ
MNSLKPEDTAVYYCAAYNYFPRSIVYYYVYWGQGTQVTVSSGGSGEDQVDPRLIDGKILNSSTEDGIKRIQDDCPKAGRH
NYIFVMIPTLYSIIFVVGIFGNSLVVIVIYFYMKLKTVASVFLLNLALADLCFLLTLPLWAVYTAMEYRWPFGNYLCKIA
SASVSFNLYASVFLLTCLSIDRYLAIVHPMKSRLRRTMLVAKVTCIIIWLLAGLASLPAIIHRNVFFIENTNITVCAFHY
ESQNSTLPIGLGLTKNILGFLFPFLIILTSYTLIWKALKKAYDLEDNWETLNDNLKVIEKADNAAQVKDALTKMRAAALD
AQKATPPKLEDKSPDSPEMKDFRHGFDILVGQIDDALKLANEGKVKEAQAAAEQLKTTRNAYIQKYLERARSTLDKLNDD
IFKIIMAIVLFFFFSWIPHQIFTFLDVLIQLGIIRDCRIADIVDTAMPITICIAYFNNCLNPLFYGFLGKKFKRYFLQLL
KYGGSSLEVLFQGPTETSQVAPA
;
A,B
2 'polypeptide(L)'
;EISEVQLVESGGGLVQPGGSLRLSCAASGFNVVDFSLHWVRQAPGKGLEWVAYISSSSGSTSYADSVKGRFTISADTSKN
TAYLQMNSLRAEDTAVYYCARWGYWPGEPWWKAFDYWGQGTLVTVSSASTKGPSVFPLAPSSKSTSGGTAALGCLVKDYF
PEPVTVSWNSGALTSGVHTFPAVLQSSGLYSLSSVVTVPSSSLGTQTYICNVNHKPSNTKVDKKVEPKSCD
;
C
3 'polypeptide(L)'
;DIQMTQSPSSLSASVGDRVTITCRASQSVSSAVAWYQQKPGKAPKLLIYSASSLYSGVPSRFSGSRSGTDFTLTISSLQP
EDFATYYCQQYLYYSLVTFGQGTKVEIKRTVAAPSVFIFPPSDEQLKSGTASVVCLLNNFYPREAKVQWKVDNALQSGNS
QESVTEQDSKDSTYSLSSTLTLSKADYEKHKVYACEVTHQGLSSPVTKSFNRGEC
;
D
#
# COMPACT_ATOMS: atom_id res chain seq x y z
N MET A 166 -28.08 30.96 3.92
CA MET A 166 -28.39 29.65 4.48
C MET A 166 -27.38 29.26 5.55
N ILE A 167 -26.21 29.89 5.48
CA ILE A 167 -25.19 29.69 6.53
C ILE A 167 -25.75 29.93 7.93
N PRO A 168 -26.51 31.01 8.19
CA PRO A 168 -27.10 31.15 9.53
C PRO A 168 -28.04 30.02 9.90
N THR A 169 -28.79 29.49 8.93
CA THR A 169 -29.75 28.43 9.23
C THR A 169 -29.12 27.04 9.17
N LEU A 170 -28.09 26.85 8.34
CA LEU A 170 -27.41 25.56 8.31
C LEU A 170 -26.73 25.28 9.65
N TYR A 171 -26.20 26.31 10.30
CA TYR A 171 -25.64 26.14 11.63
C TYR A 171 -26.71 25.69 12.62
N SER A 172 -27.92 26.22 12.50
CA SER A 172 -29.01 25.80 13.38
C SER A 172 -29.30 24.31 13.20
N ILE A 173 -29.21 23.81 11.96
CA ILE A 173 -29.39 22.38 11.72
C ILE A 173 -28.30 21.57 12.41
N ILE A 174 -27.06 22.05 12.34
CA ILE A 174 -25.94 21.33 12.94
C ILE A 174 -26.11 21.22 14.45
N PHE A 175 -26.53 22.31 15.08
CA PHE A 175 -26.68 22.31 16.54
C PHE A 175 -27.75 21.32 16.99
N VAL A 176 -28.86 21.23 16.24
CA VAL A 176 -29.94 20.32 16.61
C VAL A 176 -29.46 18.87 16.54
N VAL A 177 -28.87 18.49 15.40
CA VAL A 177 -28.43 17.11 15.24
C VAL A 177 -27.18 16.83 16.07
N GLY A 178 -26.23 17.77 16.08
CA GLY A 178 -24.97 17.52 16.74
C GLY A 178 -25.10 17.34 18.24
N ILE A 179 -25.86 18.23 18.90
CA ILE A 179 -26.05 18.10 20.34
C ILE A 179 -26.84 16.83 20.66
N PHE A 180 -27.89 16.55 19.88
CA PHE A 180 -28.65 15.33 20.09
C PHE A 180 -27.80 14.09 19.80
N GLY A 181 -27.00 14.13 18.74
CA GLY A 181 -26.20 12.97 18.39
C GLY A 181 -25.07 12.73 19.34
N ASN A 182 -24.26 13.76 19.60
CA ASN A 182 -23.06 13.58 20.43
C ASN A 182 -23.40 13.27 21.87
N SER A 183 -24.53 13.78 22.38
CA SER A 183 -24.91 13.48 23.76
C SER A 183 -25.29 12.00 23.90
N LEU A 184 -25.94 11.43 22.89
CA LEU A 184 -26.16 9.99 22.88
C LEU A 184 -24.84 9.24 22.73
N VAL A 185 -23.94 9.76 21.88
CA VAL A 185 -22.67 9.10 21.65
C VAL A 185 -21.83 9.07 22.92
N VAL A 186 -21.76 10.20 23.63
CA VAL A 186 -20.92 10.23 24.83
C VAL A 186 -21.48 9.30 25.90
N ILE A 187 -22.80 9.13 25.96
CA ILE A 187 -23.38 8.21 26.94
C ILE A 187 -23.06 6.76 26.54
N VAL A 188 -23.20 6.43 25.26
CA VAL A 188 -22.99 5.06 24.80
C VAL A 188 -21.57 4.61 25.09
N ILE A 189 -20.59 5.45 24.76
CA ILE A 189 -19.19 5.11 24.97
C ILE A 189 -18.80 5.15 26.43
N TYR A 190 -19.67 5.66 27.30
CA TYR A 190 -19.38 5.70 28.74
C TYR A 190 -20.19 4.71 29.55
N PHE A 191 -21.41 4.38 29.12
CA PHE A 191 -22.28 3.51 29.89
C PHE A 191 -22.57 2.17 29.22
N TYR A 192 -23.07 2.17 27.98
CA TYR A 192 -23.40 0.91 27.32
C TYR A 192 -22.14 0.12 26.98
N MET A 193 -21.17 0.77 26.35
CA MET A 193 -19.87 0.18 26.09
C MET A 193 -18.85 1.05 26.82
N LYS A 194 -18.59 0.70 28.08
CA LYS A 194 -17.75 1.54 28.93
C LYS A 194 -16.31 1.57 28.41
N LEU A 195 -15.48 2.37 29.07
CA LEU A 195 -14.12 2.63 28.61
C LEU A 195 -13.26 1.40 28.85
N LYS A 196 -13.44 0.40 27.98
CA LYS A 196 -12.68 -0.84 28.05
C LYS A 196 -11.50 -0.87 27.10
N THR A 197 -11.44 0.04 26.13
CA THR A 197 -10.37 0.08 25.14
C THR A 197 -9.86 1.50 25.00
N VAL A 198 -8.64 1.62 24.48
CA VAL A 198 -8.04 2.93 24.26
C VAL A 198 -8.84 3.72 23.24
N ALA A 199 -9.26 3.06 22.16
CA ALA A 199 -10.05 3.73 21.13
C ALA A 199 -11.36 4.25 21.68
N SER A 200 -11.93 3.56 22.67
CA SER A 200 -13.13 4.09 23.32
C SER A 200 -12.84 5.40 24.05
N VAL A 201 -11.68 5.47 24.72
CA VAL A 201 -11.29 6.72 25.40
C VAL A 201 -11.12 7.84 24.38
N PHE A 202 -10.45 7.54 23.26
CA PHE A 202 -10.22 8.57 22.26
C PHE A 202 -11.51 9.01 21.59
N LEU A 203 -12.44 8.08 21.34
CA LEU A 203 -13.73 8.47 20.77
C LEU A 203 -14.56 9.26 21.76
N LEU A 204 -14.48 8.93 23.06
CA LEU A 204 -15.14 9.74 24.08
C LEU A 204 -14.61 11.16 24.07
N ASN A 205 -13.28 11.31 24.02
CA ASN A 205 -12.68 12.64 23.98
C ASN A 205 -13.08 13.38 22.71
N LEU A 206 -13.16 12.68 21.58
CA LEU A 206 -13.57 13.31 20.33
C LEU A 206 -15.00 13.81 20.43
N ALA A 207 -15.89 13.01 21.00
CA ALA A 207 -17.28 13.46 21.18
C ALA A 207 -17.35 14.65 22.13
N LEU A 208 -16.54 14.64 23.19
CA LEU A 208 -16.52 15.78 24.10
C LEU A 208 -16.03 17.05 23.41
N ALA A 209 -14.99 16.93 22.58
CA ALA A 209 -14.50 18.10 21.85
C ALA A 209 -15.56 18.63 20.88
N ASP A 210 -16.25 17.72 20.18
CA ASP A 210 -17.31 18.17 19.28
C ASP A 210 -18.44 18.84 20.05
N LEU A 211 -18.78 18.31 21.23
CA LEU A 211 -19.79 18.97 22.06
C LEU A 211 -19.32 20.36 22.49
N CYS A 212 -18.05 20.49 22.86
CA CYS A 212 -17.53 21.79 23.28
C CYS A 212 -17.62 22.80 22.15
N PHE A 213 -17.30 22.38 20.92
CA PHE A 213 -17.44 23.29 19.79
C PHE A 213 -18.91 23.62 19.51
N LEU A 214 -19.78 22.61 19.54
CA LEU A 214 -21.19 22.85 19.28
C LEU A 214 -21.85 23.74 20.31
N LEU A 215 -21.29 23.81 21.52
CA LEU A 215 -21.82 24.73 22.51
C LEU A 215 -21.69 26.17 22.05
N THR A 216 -20.55 26.52 21.45
CA THR A 216 -20.32 27.87 20.95
C THR A 216 -20.79 28.07 19.52
N LEU A 217 -21.18 27.00 18.83
CA LEU A 217 -21.70 27.15 17.48
C LEU A 217 -22.92 28.07 17.37
N PRO A 218 -23.94 27.99 18.25
CA PRO A 218 -25.09 28.89 18.09
C PRO A 218 -24.74 30.36 18.19
N LEU A 219 -23.66 30.70 18.89
CA LEU A 219 -23.19 32.08 18.88
C LEU A 219 -22.82 32.51 17.47
N TRP A 220 -22.07 31.67 16.75
CA TRP A 220 -21.75 31.97 15.36
C TRP A 220 -23.00 32.00 14.50
N ALA A 221 -23.94 31.10 14.76
CA ALA A 221 -25.17 31.05 13.98
C ALA A 221 -25.94 32.37 14.11
N VAL A 222 -26.13 32.84 15.34
CA VAL A 222 -26.90 34.06 15.55
C VAL A 222 -26.10 35.29 15.11
N TYR A 223 -24.77 35.22 15.15
CA TYR A 223 -23.95 36.31 14.65
C TYR A 223 -24.04 36.43 13.13
N THR A 224 -24.09 35.30 12.43
CA THR A 224 -24.28 35.32 10.99
C THR A 224 -25.74 35.63 10.60
N ALA A 225 -26.69 35.37 11.49
CA ALA A 225 -28.08 35.62 11.18
C ALA A 225 -28.35 37.10 10.97
N MET A 226 -27.69 37.96 11.75
CA MET A 226 -27.92 39.40 11.68
C MET A 226 -26.95 40.11 10.75
N GLU A 227 -26.51 39.45 9.68
CA GLU A 227 -25.64 40.05 8.67
C GLU A 227 -24.30 40.46 9.28
N TYR A 228 -23.71 39.54 10.03
CA TYR A 228 -22.37 39.71 10.61
C TYR A 228 -22.29 40.93 11.54
N ARG A 229 -23.05 40.86 12.62
CA ARG A 229 -22.90 41.81 13.72
C ARG A 229 -23.06 41.07 15.03
N TRP A 230 -22.20 41.40 15.99
CA TRP A 230 -22.02 40.62 17.21
C TRP A 230 -22.77 41.28 18.36
N PRO A 231 -23.87 40.70 18.85
CA PRO A 231 -24.58 41.31 19.99
C PRO A 231 -23.94 41.06 21.34
N PHE A 232 -23.09 40.05 21.47
CA PHE A 232 -22.56 39.65 22.76
C PHE A 232 -21.36 40.51 23.13
N GLY A 233 -20.74 40.21 24.27
CA GLY A 233 -19.58 40.94 24.73
C GLY A 233 -18.30 40.44 24.08
N ASN A 234 -17.18 40.98 24.57
CA ASN A 234 -15.88 40.56 24.07
C ASN A 234 -15.61 39.10 24.41
N TYR A 235 -15.95 38.69 25.64
CA TYR A 235 -15.60 37.35 26.09
C TYR A 235 -16.28 36.27 25.25
N LEU A 236 -17.52 36.50 24.82
CA LEU A 236 -18.17 35.53 23.96
C LEU A 236 -17.44 35.41 22.62
N CYS A 237 -16.96 36.53 22.09
CA CYS A 237 -16.20 36.49 20.84
C CYS A 237 -14.90 35.70 21.01
N LYS A 238 -14.17 35.98 22.08
CA LYS A 238 -12.93 35.26 22.33
C LYS A 238 -13.20 33.77 22.52
N ILE A 239 -14.25 33.43 23.27
CA ILE A 239 -14.57 32.03 23.52
C ILE A 239 -14.93 31.32 22.23
N ALA A 240 -15.73 31.96 21.38
CA ALA A 240 -16.13 31.32 20.14
C ALA A 240 -14.95 31.08 19.20
N SER A 241 -14.09 32.09 19.03
CA SER A 241 -12.93 31.91 18.15
C SER A 241 -11.97 30.85 18.70
N ALA A 242 -11.68 30.92 20.00
CA ALA A 242 -10.84 29.90 20.60
C ALA A 242 -11.45 28.52 20.49
N SER A 243 -12.79 28.43 20.53
CA SER A 243 -13.44 27.14 20.39
C SER A 243 -13.29 26.59 18.98
N VAL A 244 -13.34 27.46 17.98
CA VAL A 244 -13.11 27.02 16.60
C VAL A 244 -11.71 26.43 16.45
N SER A 245 -10.70 27.18 16.91
CA SER A 245 -9.33 26.70 16.78
C SER A 245 -9.10 25.44 17.61
N PHE A 246 -9.64 25.42 18.82
CA PHE A 246 -9.51 24.27 19.71
C PHE A 246 -10.15 23.04 19.10
N ASN A 247 -11.32 23.18 18.49
CA ASN A 247 -11.95 22.03 17.84
C ASN A 247 -11.06 21.48 16.75
N LEU A 248 -10.52 22.35 15.90
CA LEU A 248 -9.65 21.85 14.84
C LEU A 248 -8.48 21.05 15.40
N TYR A 249 -7.75 21.63 16.35
CA TYR A 249 -6.53 20.98 16.82
C TYR A 249 -6.82 19.73 17.65
N ALA A 250 -7.80 19.80 18.55
CA ALA A 250 -8.15 18.62 19.33
C ALA A 250 -8.62 17.49 18.44
N SER A 251 -9.44 17.79 17.44
CA SER A 251 -9.92 16.73 16.55
C SER A 251 -8.78 16.09 15.78
N VAL A 252 -7.86 16.90 15.23
CA VAL A 252 -6.79 16.29 14.43
C VAL A 252 -5.88 15.45 15.32
N PHE A 253 -5.56 15.94 16.53
CA PHE A 253 -4.67 15.18 17.39
C PHE A 253 -5.33 13.88 17.87
N LEU A 254 -6.60 13.94 18.22
CA LEU A 254 -7.30 12.73 18.64
C LEU A 254 -7.41 11.73 17.50
N LEU A 255 -7.63 12.21 16.28
CA LEU A 255 -7.69 11.30 15.14
C LEU A 255 -6.34 10.65 14.86
N THR A 256 -5.25 11.41 14.97
CA THR A 256 -3.94 10.79 14.79
C THR A 256 -3.66 9.75 15.87
N CYS A 257 -4.02 10.05 17.11
CA CYS A 257 -3.83 9.06 18.17
C CYS A 257 -4.69 7.83 17.94
N LEU A 258 -5.91 8.02 17.42
CA LEU A 258 -6.75 6.88 17.06
C LEU A 258 -6.10 6.01 15.99
N SER A 259 -5.55 6.66 14.95
CA SER A 259 -4.90 5.90 13.89
C SER A 259 -3.69 5.16 14.39
N ILE A 260 -2.89 5.80 15.25
CA ILE A 260 -1.71 5.14 15.81
C ILE A 260 -2.13 3.96 16.68
N ASP A 261 -3.18 4.12 17.47
CA ASP A 261 -3.67 3.03 18.30
C ASP A 261 -4.16 1.86 17.44
N ARG A 262 -4.87 2.16 16.36
CA ARG A 262 -5.33 1.08 15.48
C ARG A 262 -4.15 0.38 14.83
N TYR A 263 -3.13 1.14 14.43
CA TYR A 263 -1.95 0.51 13.85
C TYR A 263 -1.25 -0.40 14.84
N LEU A 264 -1.11 0.05 16.09
CA LEU A 264 -0.49 -0.80 17.11
C LEU A 264 -1.34 -2.03 17.37
N ALA A 265 -2.66 -1.87 17.44
CA ALA A 265 -3.53 -3.01 17.72
C ALA A 265 -3.48 -4.05 16.61
N ILE A 266 -3.50 -3.60 15.36
CA ILE A 266 -3.52 -4.54 14.24
C ILE A 266 -2.15 -5.17 14.03
N VAL A 267 -1.08 -4.38 14.09
CA VAL A 267 0.24 -4.84 13.66
C VAL A 267 1.07 -5.35 14.83
N HIS A 268 0.88 -4.78 16.02
CA HIS A 268 1.64 -5.17 17.21
C HIS A 268 0.67 -5.55 18.32
N PRO A 269 -0.04 -6.67 18.19
CA PRO A 269 -0.98 -7.06 19.26
C PRO A 269 -0.25 -7.51 20.52
N THR A 277 -2.91 -0.21 28.72
CA THR A 277 -2.53 1.12 28.24
C THR A 277 -3.67 2.11 28.41
N MET A 278 -4.21 2.21 29.62
CA MET A 278 -5.31 3.12 29.93
C MET A 278 -4.86 4.41 30.58
N LEU A 279 -3.96 4.33 31.56
CA LEU A 279 -3.43 5.55 32.16
C LEU A 279 -2.67 6.37 31.13
N VAL A 280 -1.90 5.70 30.25
CA VAL A 280 -1.23 6.42 29.18
C VAL A 280 -2.25 7.03 28.22
N ALA A 281 -3.37 6.35 27.98
CA ALA A 281 -4.42 6.94 27.14
C ALA A 281 -5.01 8.19 27.76
N LYS A 282 -5.28 8.16 29.07
CA LYS A 282 -5.80 9.35 29.74
C LYS A 282 -4.78 10.47 29.74
N VAL A 283 -3.50 10.15 29.95
CA VAL A 283 -2.45 11.15 29.88
C VAL A 283 -2.38 11.74 28.48
N THR A 284 -2.51 10.91 27.46
CA THR A 284 -2.51 11.40 26.08
C THR A 284 -3.68 12.33 25.83
N CYS A 285 -4.86 11.98 26.33
CA CYS A 285 -6.03 12.85 26.13
C CYS A 285 -5.87 14.18 26.83
N ILE A 286 -5.39 14.19 28.08
CA ILE A 286 -5.23 15.46 28.77
C ILE A 286 -4.13 16.28 28.12
N ILE A 287 -3.07 15.63 27.62
CA ILE A 287 -2.03 16.36 26.90
C ILE A 287 -2.57 16.94 25.60
N ILE A 288 -3.44 16.20 24.92
CA ILE A 288 -4.05 16.69 23.69
C ILE A 288 -4.91 17.92 23.97
N TRP A 289 -5.71 17.86 25.03
CA TRP A 289 -6.52 19.02 25.38
C TRP A 289 -5.65 20.21 25.78
N LEU A 290 -4.55 19.95 26.50
CA LEU A 290 -3.63 21.03 26.86
C LEU A 290 -2.99 21.66 25.63
N LEU A 291 -2.54 20.84 24.69
CA LEU A 291 -1.92 21.35 23.47
C LEU A 291 -2.94 22.12 22.63
N ALA A 292 -4.17 21.63 22.53
CA ALA A 292 -5.19 22.33 21.77
C ALA A 292 -5.57 23.65 22.44
N GLY A 293 -5.57 23.69 23.78
CA GLY A 293 -5.78 24.97 24.46
C GLY A 293 -4.64 25.94 24.23
N LEU A 294 -3.41 25.43 24.21
CA LEU A 294 -2.27 26.30 23.95
C LEU A 294 -2.28 26.82 22.52
N ALA A 295 -2.71 26.00 21.57
CA ALA A 295 -2.76 26.43 20.18
C ALA A 295 -3.88 27.42 19.92
N SER A 296 -4.88 27.49 20.79
CA SER A 296 -5.95 28.46 20.70
C SER A 296 -5.67 29.70 21.54
N LEU A 297 -4.45 29.82 22.07
CA LEU A 297 -4.10 31.01 22.84
C LEU A 297 -4.13 32.30 22.03
N PRO A 298 -3.62 32.36 20.80
CA PRO A 298 -3.72 33.63 20.05
C PRO A 298 -5.15 34.11 19.88
N ALA A 299 -6.09 33.20 19.60
CA ALA A 299 -7.47 33.60 19.42
C ALA A 299 -8.13 33.99 20.73
N ILE A 300 -7.63 33.51 21.87
CA ILE A 300 -8.18 33.86 23.17
C ILE A 300 -7.41 35.02 23.81
N ILE A 301 -6.40 35.55 23.13
CA ILE A 301 -5.65 36.68 23.63
C ILE A 301 -5.70 37.90 22.71
N HIS A 302 -6.12 37.75 21.45
CA HIS A 302 -6.20 38.87 20.52
C HIS A 302 -7.61 39.22 20.10
N ARG A 303 -8.50 38.24 19.96
CA ARG A 303 -9.87 38.52 19.53
C ARG A 303 -10.53 39.50 20.47
N ASN A 304 -11.24 40.48 19.91
CA ASN A 304 -11.95 41.47 20.70
C ASN A 304 -13.05 42.06 19.84
N VAL A 305 -14.09 42.57 20.49
CA VAL A 305 -15.17 43.21 19.77
C VAL A 305 -14.66 44.52 19.17
N PHE A 306 -15.25 44.92 18.05
CA PHE A 306 -14.78 46.08 17.30
C PHE A 306 -15.97 46.77 16.64
N PHE A 307 -16.22 48.02 17.03
CA PHE A 307 -17.29 48.80 16.42
C PHE A 307 -16.86 49.22 15.01
N ILE A 308 -17.69 48.90 14.03
CA ILE A 308 -17.33 49.11 12.62
C ILE A 308 -17.77 50.52 12.24
N GLU A 309 -16.80 51.43 12.18
CA GLU A 309 -16.99 52.82 11.74
C GLU A 309 -18.04 53.50 12.61
N ASN A 310 -18.74 54.48 12.03
CA ASN A 310 -19.74 55.24 12.76
C ASN A 310 -21.03 54.47 12.95
N THR A 311 -21.21 53.35 12.25
CA THR A 311 -22.39 52.52 12.45
C THR A 311 -22.30 51.82 13.80
N ASN A 312 -23.32 51.01 14.10
CA ASN A 312 -23.35 50.23 15.32
C ASN A 312 -22.96 48.77 15.09
N ILE A 313 -22.42 48.45 13.92
CA ILE A 313 -22.03 47.07 13.62
C ILE A 313 -20.81 46.72 14.47
N THR A 314 -20.95 45.71 15.31
CA THR A 314 -19.87 45.20 16.13
C THR A 314 -19.57 43.77 15.71
N VAL A 315 -18.28 43.44 15.56
CA VAL A 315 -17.88 42.13 15.07
C VAL A 315 -16.77 41.58 15.95
N CYS A 316 -16.56 40.27 15.83
CA CYS A 316 -15.52 39.55 16.57
C CYS A 316 -14.23 39.66 15.77
N ALA A 317 -13.49 40.73 16.00
CA ALA A 317 -12.34 41.08 15.18
C ALA A 317 -11.04 40.61 15.82
N PHE A 318 -10.05 40.33 14.98
CA PHE A 318 -8.71 39.95 15.41
C PHE A 318 -7.83 41.19 15.34
N HIS A 319 -7.22 41.56 16.46
CA HIS A 319 -6.42 42.77 16.55
C HIS A 319 -4.95 42.38 16.72
N TYR A 320 -4.19 42.42 15.63
CA TYR A 320 -2.76 42.14 15.65
C TYR A 320 -2.02 43.45 15.41
N GLU A 321 -1.17 43.84 16.36
CA GLU A 321 -0.51 45.13 16.33
C GLU A 321 0.76 45.07 15.49
N SER A 322 1.58 46.11 15.57
CA SER A 322 2.84 46.14 14.84
C SER A 322 3.87 45.19 15.43
N GLN A 323 3.86 45.01 16.76
CA GLN A 323 4.78 44.09 17.40
C GLN A 323 4.56 42.66 16.91
N ASN A 324 3.31 42.25 16.78
CA ASN A 324 2.94 40.90 16.39
C ASN A 324 2.59 40.82 14.90
N SER A 325 3.31 41.57 14.06
CA SER A 325 3.00 41.59 12.65
C SER A 325 3.18 40.21 12.03
N THR A 326 2.44 39.95 10.95
CA THR A 326 2.41 38.67 10.25
C THR A 326 1.94 37.53 11.14
N LEU A 327 1.28 37.84 12.25
CA LEU A 327 0.69 36.78 13.07
C LEU A 327 -0.40 36.00 12.34
N PRO A 328 -1.33 36.62 11.60
CA PRO A 328 -2.31 35.82 10.84
C PRO A 328 -1.65 34.87 9.86
N ILE A 329 -0.54 35.27 9.25
CA ILE A 329 0.20 34.38 8.35
C ILE A 329 0.68 33.16 9.13
N GLY A 330 1.24 33.38 10.32
CA GLY A 330 1.71 32.28 11.12
C GLY A 330 0.58 31.35 11.56
N LEU A 331 -0.56 31.92 11.95
CA LEU A 331 -1.68 31.08 12.37
C LEU A 331 -2.22 30.27 11.20
N GLY A 332 -2.32 30.86 10.01
CA GLY A 332 -2.75 30.11 8.85
C GLY A 332 -1.78 29.00 8.50
N LEU A 333 -0.47 29.28 8.58
CA LEU A 333 0.52 28.25 8.32
C LEU A 333 0.44 27.12 9.35
N THR A 334 0.20 27.46 10.62
CA THR A 334 0.06 26.42 11.64
C THR A 334 -1.18 25.57 11.39
N LYS A 335 -2.29 26.20 10.98
CA LYS A 335 -3.50 25.44 10.68
C LYS A 335 -3.28 24.52 9.48
N ASN A 336 -2.58 25.01 8.45
CA ASN A 336 -2.38 24.19 7.26
C ASN A 336 -1.31 23.12 7.43
N ILE A 337 -0.35 23.33 8.34
CA ILE A 337 0.77 22.40 8.48
C ILE A 337 0.57 21.52 9.72
N LEU A 338 0.56 22.15 10.89
CA LEU A 338 0.41 21.39 12.13
C LEU A 338 -0.96 20.75 12.24
N GLY A 339 -1.99 21.40 11.71
CA GLY A 339 -3.33 20.88 11.81
C GLY A 339 -3.78 20.04 10.63
N PHE A 340 -3.05 20.11 9.54
CA PHE A 340 -3.49 19.30 8.40
C PHE A 340 -2.38 18.45 7.79
N LEU A 341 -1.15 18.95 7.73
CA LEU A 341 -0.11 18.22 7.03
C LEU A 341 0.44 17.07 7.87
N PHE A 342 0.90 17.37 9.08
CA PHE A 342 1.41 16.30 9.94
C PHE A 342 0.34 15.26 10.27
N PRO A 343 -0.89 15.62 10.66
CA PRO A 343 -1.91 14.59 10.85
C PRO A 343 -2.18 13.76 9.61
N PHE A 344 -2.29 14.39 8.44
CA PHE A 344 -2.55 13.63 7.22
C PHE A 344 -1.42 12.66 6.93
N LEU A 345 -0.17 13.11 7.08
CA LEU A 345 0.96 12.23 6.82
C LEU A 345 1.02 11.07 7.81
N ILE A 346 0.81 11.35 9.10
CA ILE A 346 0.89 10.28 10.09
C ILE A 346 -0.24 9.28 9.90
N ILE A 347 -1.44 9.76 9.60
CA ILE A 347 -2.56 8.85 9.38
C ILE A 347 -2.35 8.03 8.12
N LEU A 348 -1.81 8.64 7.06
CA LEU A 348 -1.52 7.89 5.84
C LEU A 348 -0.45 6.83 6.09
N THR A 349 0.58 7.18 6.87
CA THR A 349 1.61 6.19 7.21
C THR A 349 1.01 5.03 7.98
N SER A 350 0.23 5.32 9.03
CA SER A 350 -0.35 4.26 9.84
C SER A 350 -1.28 3.38 9.03
N TYR A 351 -2.11 3.99 8.18
CA TYR A 351 -3.08 3.20 7.42
C TYR A 351 -2.43 2.44 6.28
N THR A 352 -1.34 2.96 5.69
CA THR A 352 -0.65 2.17 4.67
C THR A 352 0.12 1.01 5.29
N LEU A 353 0.65 1.18 6.50
CA LEU A 353 1.24 0.04 7.20
C LEU A 353 0.19 -0.99 7.58
N ILE A 354 -0.99 -0.51 8.01
CA ILE A 354 -2.10 -1.41 8.29
C ILE A 354 -2.48 -2.19 7.05
N TRP A 355 -2.56 -1.52 5.90
CA TRP A 355 -2.93 -2.20 4.67
C TRP A 355 -1.85 -3.18 4.24
N LYS A 356 -0.58 -2.86 4.48
CA LYS A 356 0.49 -3.82 4.19
C LYS A 356 0.32 -5.09 5.03
N ALA A 357 0.08 -4.92 6.33
CA ALA A 357 -0.12 -6.08 7.20
C ALA A 357 -1.33 -6.89 6.77
N LEU A 358 -2.42 -6.20 6.41
CA LEU A 358 -3.61 -6.89 5.96
C LEU A 358 -3.35 -7.65 4.66
N LYS A 359 -2.55 -7.07 3.77
CA LYS A 359 -2.23 -7.75 2.52
C LYS A 359 -1.43 -9.01 2.76
N LYS A 360 -0.44 -8.95 3.66
CA LYS A 360 0.32 -10.16 3.97
C LYS A 360 -0.56 -11.22 4.61
N ALA A 361 -1.40 -10.83 5.57
CA ALA A 361 -2.29 -11.79 6.22
C ALA A 361 -3.27 -12.39 5.21
N TYR A 362 -3.81 -11.58 4.31
CA TYR A 362 -4.74 -12.09 3.32
C TYR A 362 -4.06 -12.99 2.31
N ASP A 363 -2.80 -12.70 1.95
CA ASP A 363 -2.06 -13.58 1.07
C ASP A 363 -1.91 -14.96 1.71
N LEU A 364 -1.47 -14.99 2.98
CA LEU A 364 -1.33 -16.26 3.67
C LEU A 364 -2.66 -17.00 3.75
N GLU A 365 -3.73 -16.28 4.11
CA GLU A 365 -5.03 -16.92 4.28
C GLU A 365 -5.57 -17.45 2.96
N ASP A 366 -5.46 -16.68 1.88
CA ASP A 366 -5.97 -17.11 0.59
C ASP A 366 -5.20 -18.32 0.09
N ASN A 367 -3.87 -18.30 0.22
CA ASN A 367 -3.09 -19.44 -0.21
C ASN A 367 -3.45 -20.69 0.58
N TRP A 368 -3.65 -20.55 1.89
CA TRP A 368 -4.02 -21.73 2.64
C TRP A 368 -5.44 -22.19 2.36
N GLU A 369 -6.33 -21.27 2.00
CA GLU A 369 -7.68 -21.69 1.63
C GLU A 369 -7.66 -22.48 0.32
N THR A 370 -6.87 -22.04 -0.64
CA THR A 370 -6.71 -22.82 -1.87
C THR A 370 -6.08 -24.18 -1.58
N LEU A 371 -5.10 -24.21 -0.67
CA LEU A 371 -4.47 -25.47 -0.30
C LEU A 371 -5.49 -26.42 0.34
N ASN A 372 -6.34 -25.89 1.23
CA ASN A 372 -7.35 -26.73 1.87
C ASN A 372 -8.39 -27.22 0.87
N ASP A 373 -8.81 -26.36 -0.06
CA ASP A 373 -9.77 -26.79 -1.06
C ASP A 373 -9.20 -27.91 -1.92
N ASN A 374 -7.96 -27.77 -2.34
CA ASN A 374 -7.36 -28.80 -3.17
C ASN A 374 -7.10 -30.08 -2.37
N LEU A 375 -6.81 -29.95 -1.08
CA LEU A 375 -6.70 -31.13 -0.23
C LEU A 375 -8.03 -31.87 -0.16
N LYS A 376 -9.12 -31.12 -0.02
CA LYS A 376 -10.44 -31.74 0.03
C LYS A 376 -10.77 -32.44 -1.28
N VAL A 377 -10.47 -31.80 -2.41
CA VAL A 377 -10.77 -32.45 -3.69
C VAL A 377 -9.82 -33.61 -3.94
N ILE A 378 -8.67 -33.63 -3.29
CA ILE A 378 -7.82 -34.82 -3.29
C ILE A 378 -8.51 -35.95 -2.54
N GLU A 379 -9.08 -35.65 -1.38
CA GLU A 379 -9.69 -36.70 -0.57
C GLU A 379 -10.83 -37.39 -1.32
N LYS A 380 -11.67 -36.62 -2.00
CA LYS A 380 -12.77 -37.18 -2.78
C LYS A 380 -12.38 -37.25 -4.26
N ALA A 381 -11.42 -38.13 -4.53
CA ALA A 381 -10.88 -38.29 -5.88
C ALA A 381 -10.98 -39.74 -6.32
N ASP A 382 -11.02 -39.93 -7.64
CA ASP A 382 -11.18 -41.26 -8.23
C ASP A 382 -9.91 -41.73 -8.94
N ASN A 383 -9.40 -40.94 -9.88
CA ASN A 383 -8.21 -41.29 -10.63
C ASN A 383 -7.04 -40.42 -10.20
N ALA A 384 -5.87 -40.72 -10.76
CA ALA A 384 -4.65 -40.00 -10.40
C ALA A 384 -4.51 -38.67 -11.14
N ALA A 385 -5.28 -38.44 -12.21
CA ALA A 385 -5.19 -37.18 -12.92
C ALA A 385 -5.70 -36.03 -12.07
N GLN A 386 -6.86 -36.21 -11.44
CA GLN A 386 -7.40 -35.18 -10.54
C GLN A 386 -6.48 -34.97 -9.35
N VAL A 387 -5.91 -36.06 -8.82
CA VAL A 387 -4.97 -35.94 -7.72
C VAL A 387 -3.74 -35.15 -8.14
N LYS A 388 -3.21 -35.42 -9.33
CA LYS A 388 -2.04 -34.69 -9.80
C LYS A 388 -2.36 -33.20 -9.99
N ASP A 389 -3.52 -32.88 -10.56
CA ASP A 389 -3.88 -31.47 -10.75
C ASP A 389 -4.04 -30.76 -9.42
N ALA A 390 -4.71 -31.40 -8.46
CA ALA A 390 -4.91 -30.80 -7.16
C ALA A 390 -3.58 -30.63 -6.43
N LEU A 391 -2.68 -31.60 -6.55
CA LEU A 391 -1.37 -31.47 -5.93
C LEU A 391 -0.55 -30.37 -6.57
N THR A 392 -0.70 -30.16 -7.88
CA THR A 392 -0.04 -29.05 -8.55
C THR A 392 -0.52 -27.72 -7.97
N LYS A 393 -1.84 -27.57 -7.86
CA LYS A 393 -2.38 -26.33 -7.30
C LYS A 393 -1.95 -26.15 -5.86
N MET A 394 -1.91 -27.23 -5.09
CA MET A 394 -1.46 -27.16 -3.71
C MET A 394 -0.01 -26.75 -3.60
N ARG A 395 0.86 -27.28 -4.47
CA ARG A 395 2.26 -26.91 -4.42
C ARG A 395 2.45 -25.44 -4.77
N ALA A 396 1.74 -24.96 -5.79
CA ALA A 396 1.83 -23.54 -6.11
C ALA A 396 1.35 -22.69 -4.95
N ALA A 397 0.25 -23.08 -4.31
CA ALA A 397 -0.28 -22.32 -3.19
C ALA A 397 0.68 -22.32 -2.00
N ALA A 398 1.31 -23.47 -1.72
CA ALA A 398 2.25 -23.54 -0.60
C ALA A 398 3.49 -22.69 -0.87
N LEU A 399 3.99 -22.72 -2.11
CA LEU A 399 5.13 -21.86 -2.44
C LEU A 399 4.76 -20.39 -2.31
N ASP A 400 3.55 -20.02 -2.73
CA ASP A 400 3.10 -18.63 -2.56
C ASP A 400 2.96 -18.26 -1.08
N ALA A 401 2.42 -19.17 -0.27
CA ALA A 401 2.22 -18.87 1.15
C ALA A 401 3.54 -18.74 1.88
N GLN A 402 4.55 -19.51 1.49
CA GLN A 402 5.86 -19.39 2.11
C GLN A 402 6.47 -18.01 1.86
N LYS A 403 6.12 -17.38 0.74
CA LYS A 403 6.60 -16.03 0.46
C LYS A 403 6.02 -15.02 1.42
N ALA A 404 4.73 -15.17 1.76
CA ALA A 404 4.01 -14.20 2.58
C ALA A 404 4.41 -14.37 4.05
N THR A 405 5.61 -13.90 4.36
CA THR A 405 6.06 -13.89 5.74
C THR A 405 5.25 -12.89 6.56
N PRO A 406 4.83 -13.25 7.77
CA PRO A 406 4.05 -12.33 8.59
C PRO A 406 4.84 -11.06 8.88
N PRO A 407 4.18 -9.91 8.90
CA PRO A 407 4.89 -8.66 9.22
C PRO A 407 5.42 -8.68 10.65
N LYS A 408 6.75 -8.67 10.77
CA LYS A 408 7.41 -8.72 12.08
C LYS A 408 6.99 -9.93 12.89
N SER A 416 17.07 -15.47 13.99
CA SER A 416 15.83 -15.42 13.22
C SER A 416 14.86 -16.50 13.67
N PRO A 417 14.23 -16.29 14.84
CA PRO A 417 13.31 -17.31 15.37
C PRO A 417 12.12 -17.59 14.46
N GLU A 418 11.64 -16.58 13.73
CA GLU A 418 10.45 -16.77 12.90
C GLU A 418 10.82 -17.38 11.55
N MET A 419 11.78 -16.79 10.84
CA MET A 419 12.15 -17.28 9.52
C MET A 419 12.68 -18.70 9.56
N LYS A 420 13.38 -19.05 10.64
CA LYS A 420 13.85 -20.43 10.79
C LYS A 420 12.71 -21.39 11.12
N ASP A 421 11.51 -20.91 11.41
CA ASP A 421 10.38 -21.75 11.74
C ASP A 421 9.23 -21.62 10.75
N PHE A 422 8.92 -20.41 10.31
CA PHE A 422 7.90 -20.24 9.27
C PHE A 422 8.34 -20.89 7.96
N ARG A 423 9.52 -20.52 7.48
CA ARG A 423 10.04 -21.09 6.25
C ARG A 423 10.32 -22.58 6.39
N HIS A 424 10.78 -23.03 7.57
CA HIS A 424 11.01 -24.46 7.76
C HIS A 424 9.70 -25.24 7.72
N GLY A 425 8.65 -24.69 8.33
CA GLY A 425 7.35 -25.35 8.26
C GLY A 425 6.86 -25.48 6.84
N PHE A 426 7.00 -24.42 6.04
CA PHE A 426 6.55 -24.52 4.66
C PHE A 426 7.47 -25.38 3.80
N ASP A 427 8.76 -25.44 4.13
CA ASP A 427 9.67 -26.35 3.44
C ASP A 427 9.24 -27.79 3.66
N ILE A 428 8.89 -28.15 4.90
CA ILE A 428 8.39 -29.49 5.17
C ILE A 428 7.08 -29.73 4.44
N LEU A 429 6.21 -28.71 4.41
CA LEU A 429 4.92 -28.86 3.72
C LEU A 429 5.11 -29.17 2.25
N VAL A 430 5.93 -28.39 1.56
CA VAL A 430 6.14 -28.64 0.14
C VAL A 430 6.91 -29.92 -0.11
N GLY A 431 7.75 -30.35 0.84
CA GLY A 431 8.36 -31.67 0.72
C GLY A 431 7.32 -32.78 0.76
N GLN A 432 6.31 -32.63 1.62
CA GLN A 432 5.23 -33.61 1.66
C GLN A 432 4.39 -33.55 0.38
N ILE A 433 4.18 -32.36 -0.18
CA ILE A 433 3.48 -32.26 -1.45
C ILE A 433 4.27 -32.97 -2.55
N ASP A 434 5.60 -32.81 -2.54
CA ASP A 434 6.44 -33.50 -3.52
C ASP A 434 6.37 -35.01 -3.35
N ASP A 435 6.34 -35.50 -2.11
CA ASP A 435 6.18 -36.94 -1.89
C ASP A 435 4.84 -37.43 -2.43
N ALA A 436 3.77 -36.67 -2.20
CA ALA A 436 2.47 -37.03 -2.73
C ALA A 436 2.48 -37.04 -4.26
N LEU A 437 3.14 -36.06 -4.88
CA LEU A 437 3.22 -36.01 -6.34
C LEU A 437 4.02 -37.17 -6.89
N LYS A 438 5.11 -37.55 -6.22
CA LYS A 438 5.88 -38.72 -6.63
C LYS A 438 5.03 -39.98 -6.58
N LEU A 439 4.23 -40.12 -5.52
CA LEU A 439 3.38 -41.30 -5.41
C LEU A 439 2.24 -41.28 -6.43
N ALA A 440 1.72 -40.09 -6.74
CA ALA A 440 0.58 -40.00 -7.66
C ALA A 440 1.01 -40.18 -9.10
N ASN A 441 2.23 -39.76 -9.46
CA ASN A 441 2.70 -39.94 -10.83
C ASN A 441 2.81 -41.42 -11.18
N GLU A 442 3.26 -42.24 -10.22
CA GLU A 442 3.39 -43.68 -10.47
C GLU A 442 2.04 -44.34 -10.69
N GLY A 443 0.94 -43.68 -10.34
CA GLY A 443 -0.37 -44.25 -10.44
C GLY A 443 -0.95 -44.80 -9.15
N LYS A 444 -0.26 -44.60 -8.02
CA LYS A 444 -0.72 -45.08 -6.72
C LYS A 444 -1.56 -43.98 -6.08
N VAL A 445 -2.87 -44.08 -6.22
CA VAL A 445 -3.76 -43.05 -5.70
C VAL A 445 -3.79 -43.09 -4.18
N LYS A 446 -3.89 -44.28 -3.59
CA LYS A 446 -4.09 -44.38 -2.15
C LYS A 446 -2.91 -43.80 -1.39
N GLU A 447 -1.69 -44.01 -1.88
CA GLU A 447 -0.52 -43.41 -1.24
C GLU A 447 -0.52 -41.90 -1.38
N ALA A 448 -1.06 -41.38 -2.49
CA ALA A 448 -1.23 -39.94 -2.61
C ALA A 448 -2.19 -39.41 -1.56
N GLN A 449 -3.30 -40.13 -1.33
CA GLN A 449 -4.22 -39.73 -0.28
C GLN A 449 -3.55 -39.74 1.09
N ALA A 450 -2.77 -40.79 1.35
CA ALA A 450 -2.08 -40.88 2.64
C ALA A 450 -1.10 -39.73 2.84
N ALA A 451 -0.34 -39.39 1.80
CA ALA A 451 0.60 -38.27 1.90
C ALA A 451 -0.13 -36.95 2.09
N ALA A 452 -1.27 -36.78 1.44
CA ALA A 452 -2.06 -35.57 1.67
C ALA A 452 -2.54 -35.49 3.11
N GLU A 453 -2.93 -36.62 3.69
CA GLU A 453 -3.34 -36.62 5.10
C GLU A 453 -2.16 -36.27 6.01
N GLN A 454 -0.97 -36.78 5.68
CA GLN A 454 0.21 -36.39 6.45
C GLN A 454 0.49 -34.90 6.35
N LEU A 455 0.20 -34.31 5.19
CA LEU A 455 0.30 -32.86 5.04
C LEU A 455 -0.70 -32.16 5.96
N LYS A 456 -1.92 -32.68 6.04
CA LYS A 456 -2.91 -32.13 6.96
C LYS A 456 -2.40 -32.17 8.39
N THR A 457 -1.73 -33.27 8.76
CA THR A 457 -1.13 -33.36 10.08
C THR A 457 -0.02 -32.32 10.28
N THR A 458 0.82 -32.12 9.26
CA THR A 458 1.92 -31.16 9.38
C THR A 458 1.41 -29.73 9.52
N ARG A 459 0.22 -29.43 8.99
CA ARG A 459 -0.31 -28.07 9.13
C ARG A 459 -0.34 -27.62 10.59
N ASN A 460 -0.81 -28.50 11.49
CA ASN A 460 -0.97 -28.11 12.89
C ASN A 460 0.38 -27.82 13.55
N ALA A 461 1.41 -28.61 13.23
CA ALA A 461 2.67 -28.52 13.95
C ALA A 461 3.35 -27.18 13.73
N TYR A 462 3.35 -26.67 12.51
CA TYR A 462 4.13 -25.48 12.18
C TYR A 462 3.31 -24.30 11.69
N ILE A 463 2.27 -24.54 10.89
CA ILE A 463 1.61 -23.44 10.18
C ILE A 463 0.36 -22.94 10.89
N GLN A 464 -0.20 -23.70 11.83
CA GLN A 464 -1.48 -23.32 12.40
C GLN A 464 -1.38 -22.03 13.23
N LYS A 465 -0.27 -21.82 13.92
CA LYS A 465 -0.13 -20.60 14.72
C LYS A 465 -0.16 -19.36 13.83
N TYR A 466 0.56 -19.39 12.70
CA TYR A 466 0.55 -18.24 11.80
C TYR A 466 -0.79 -18.11 11.09
N LEU A 467 -1.45 -19.24 10.79
CA LEU A 467 -2.78 -19.17 10.20
C LEU A 467 -3.76 -18.48 11.12
N GLU A 468 -3.75 -18.85 12.41
CA GLU A 468 -4.67 -18.23 13.35
C GLU A 468 -4.30 -16.77 13.62
N ARG A 469 -3.01 -16.45 13.61
CA ARG A 469 -2.60 -15.06 13.75
C ARG A 469 -3.08 -14.22 12.58
N ALA A 470 -2.96 -14.73 11.36
CA ALA A 470 -3.47 -14.01 10.19
C ALA A 470 -4.99 -13.88 10.25
N ARG A 471 -5.67 -14.92 10.69
CA ARG A 471 -7.13 -14.85 10.82
C ARG A 471 -7.54 -13.80 11.84
N SER A 472 -6.83 -13.73 12.97
CA SER A 472 -7.13 -12.71 13.97
C SER A 472 -6.87 -11.31 13.43
N THR A 473 -5.78 -11.13 12.69
CA THR A 473 -5.50 -9.83 12.10
C THR A 473 -6.58 -9.43 11.10
N LEU A 474 -7.04 -10.37 10.29
CA LEU A 474 -8.13 -10.08 9.36
C LEU A 474 -9.46 -9.89 10.06
N ASP A 475 -9.62 -10.40 11.29
CA ASP A 475 -10.87 -10.24 12.01
C ASP A 475 -11.09 -8.79 12.41
N LYS A 476 -10.03 -8.02 12.59
CA LYS A 476 -10.14 -6.64 13.04
C LYS A 476 -10.74 -5.72 11.99
N LEU A 477 -10.85 -6.17 10.74
CA LEU A 477 -11.52 -5.37 9.73
C LEU A 477 -13.04 -5.39 9.90
N ASN A 478 -13.61 -6.56 10.18
CA ASN A 478 -15.04 -6.65 10.44
C ASN A 478 -15.41 -6.01 11.76
N ASP A 479 -14.43 -5.64 12.59
CA ASP A 479 -14.71 -4.89 13.80
C ASP A 479 -15.38 -3.57 13.44
N ASP A 480 -16.45 -3.24 14.16
CA ASP A 480 -17.18 -2.01 13.87
C ASP A 480 -16.38 -0.78 14.22
N ILE A 481 -15.54 -0.85 15.27
CA ILE A 481 -14.81 0.33 15.71
C ILE A 481 -13.75 0.72 14.67
N PHE A 482 -13.14 -0.25 14.00
CA PHE A 482 -12.19 0.09 12.94
C PHE A 482 -12.88 0.84 11.80
N LYS A 483 -14.05 0.36 11.39
CA LYS A 483 -14.79 1.05 10.34
C LYS A 483 -15.21 2.44 10.78
N ILE A 484 -15.65 2.57 12.05
CA ILE A 484 -16.05 3.88 12.56
C ILE A 484 -14.88 4.85 12.52
N ILE A 485 -13.71 4.41 12.99
CA ILE A 485 -12.54 5.29 13.02
C ILE A 485 -12.11 5.67 11.62
N MET A 486 -12.10 4.70 10.69
CA MET A 486 -11.68 5.02 9.33
C MET A 486 -12.65 5.98 8.66
N ALA A 487 -13.96 5.77 8.84
CA ALA A 487 -14.94 6.67 8.27
C ALA A 487 -14.83 8.06 8.85
N ILE A 488 -14.63 8.17 10.17
CA ILE A 488 -14.48 9.47 10.81
C ILE A 488 -13.24 10.18 10.27
N VAL A 489 -12.12 9.47 10.15
CA VAL A 489 -10.90 10.10 9.66
C VAL A 489 -11.07 10.59 8.23
N LEU A 490 -11.60 9.71 7.36
CA LEU A 490 -11.77 10.08 5.96
C LEU A 490 -12.73 11.26 5.81
N PHE A 491 -13.86 11.22 6.50
CA PHE A 491 -14.84 12.29 6.37
C PHE A 491 -14.31 13.59 6.96
N PHE A 492 -13.58 13.51 8.08
CA PHE A 492 -12.99 14.71 8.66
C PHE A 492 -12.03 15.37 7.69
N PHE A 493 -11.15 14.58 7.07
CA PHE A 493 -10.19 15.19 6.14
C PHE A 493 -10.88 15.68 4.87
N PHE A 494 -11.90 14.98 4.38
CA PHE A 494 -12.63 15.49 3.22
C PHE A 494 -13.33 16.80 3.55
N SER A 495 -13.92 16.91 4.76
CA SER A 495 -14.58 18.15 5.14
C SER A 495 -13.59 19.29 5.34
N TRP A 496 -12.40 18.99 5.85
CA TRP A 496 -11.44 20.04 6.16
C TRP A 496 -10.52 20.41 5.00
N ILE A 497 -10.46 19.60 3.94
CA ILE A 497 -9.60 19.96 2.80
C ILE A 497 -9.97 21.31 2.19
N PRO A 498 -11.25 21.61 1.89
CA PRO A 498 -11.55 22.93 1.32
C PRO A 498 -11.11 24.09 2.21
N HIS A 499 -11.37 23.99 3.51
CA HIS A 499 -10.99 25.08 4.40
C HIS A 499 -9.48 25.24 4.48
N GLN A 500 -8.74 24.13 4.52
CA GLN A 500 -7.29 24.22 4.59
C GLN A 500 -6.71 24.83 3.32
N ILE A 501 -7.19 24.40 2.15
CA ILE A 501 -6.65 24.95 0.91
C ILE A 501 -7.05 26.41 0.74
N PHE A 502 -8.24 26.80 1.20
CA PHE A 502 -8.59 28.22 1.12
C PHE A 502 -7.82 29.06 2.12
N THR A 503 -7.49 28.51 3.29
CA THR A 503 -6.60 29.20 4.21
C THR A 503 -5.22 29.38 3.57
N PHE A 504 -4.75 28.38 2.84
CA PHE A 504 -3.47 28.51 2.14
C PHE A 504 -3.55 29.58 1.06
N LEU A 505 -4.65 29.64 0.31
CA LEU A 505 -4.82 30.69 -0.69
C LEU A 505 -4.85 32.06 -0.04
N ASP A 506 -5.56 32.19 1.09
CA ASP A 506 -5.65 33.48 1.76
C ASP A 506 -4.30 33.92 2.31
N VAL A 507 -3.52 32.99 2.88
CA VAL A 507 -2.21 33.37 3.38
C VAL A 507 -1.26 33.69 2.22
N LEU A 508 -1.44 33.05 1.07
CA LEU A 508 -0.67 33.44 -0.11
C LEU A 508 -1.02 34.85 -0.55
N ILE A 509 -2.30 35.20 -0.51
CA ILE A 509 -2.71 36.55 -0.87
C ILE A 509 -2.15 37.56 0.12
N GLN A 510 -2.24 37.27 1.41
CA GLN A 510 -1.74 38.19 2.43
C GLN A 510 -0.23 38.35 2.33
N LEU A 511 0.49 37.26 2.05
CA LEU A 511 1.94 37.34 1.96
C LEU A 511 2.43 38.01 0.70
N GLY A 512 1.53 38.32 -0.23
CA GLY A 512 1.89 39.03 -1.44
C GLY A 512 2.26 38.18 -2.63
N ILE A 513 2.29 36.85 -2.47
CA ILE A 513 2.62 35.99 -3.60
C ILE A 513 1.56 36.10 -4.69
N ILE A 514 0.29 36.12 -4.31
CA ILE A 514 -0.79 36.23 -5.28
C ILE A 514 -1.44 37.60 -5.18
N ALA A 520 -9.07 35.96 -6.48
CA ALA A 520 -8.98 36.53 -5.14
C ALA A 520 -10.36 36.68 -4.52
N ASP A 521 -11.32 37.14 -5.33
CA ASP A 521 -12.69 37.28 -4.84
C ASP A 521 -13.30 35.92 -4.50
N ILE A 522 -12.97 34.89 -5.28
CA ILE A 522 -13.50 33.56 -5.02
C ILE A 522 -12.98 33.02 -3.70
N VAL A 523 -11.75 33.36 -3.33
CA VAL A 523 -11.20 32.93 -2.05
C VAL A 523 -12.05 33.48 -0.91
N ASP A 524 -12.40 34.75 -0.98
CA ASP A 524 -13.23 35.36 0.05
C ASP A 524 -14.70 34.97 -0.10
N THR A 525 -15.14 34.68 -1.32
CA THR A 525 -16.55 34.37 -1.54
C THR A 525 -16.97 33.11 -0.81
N ALA A 526 -16.15 32.06 -0.89
CA ALA A 526 -16.49 30.77 -0.32
C ALA A 526 -15.83 30.53 1.03
N MET A 527 -15.19 31.54 1.61
CA MET A 527 -14.61 31.38 2.94
C MET A 527 -15.66 31.02 3.99
N PRO A 528 -16.80 31.70 4.09
CA PRO A 528 -17.85 31.21 5.00
C PRO A 528 -18.35 29.83 4.63
N ILE A 529 -18.41 29.50 3.34
CA ILE A 529 -18.82 28.17 2.92
C ILE A 529 -17.85 27.13 3.46
N THR A 530 -16.55 27.40 3.34
CA THR A 530 -15.55 26.47 3.83
C THR A 530 -15.61 26.34 5.34
N ILE A 531 -15.75 27.45 6.07
CA ILE A 531 -15.80 27.35 7.53
C ILE A 531 -17.06 26.62 7.97
N CYS A 532 -18.14 26.72 7.20
CA CYS A 532 -19.37 26.01 7.58
C CYS A 532 -19.27 24.52 7.29
N ILE A 533 -18.73 24.14 6.13
CA ILE A 533 -18.68 22.72 5.79
C ILE A 533 -17.58 22.02 6.57
N ALA A 534 -16.53 22.75 6.95
CA ALA A 534 -15.43 22.14 7.70
C ALA A 534 -15.91 21.64 9.06
N TYR A 535 -16.76 22.43 9.72
CA TYR A 535 -17.28 22.07 11.03
C TYR A 535 -18.65 21.40 10.92
N PHE A 536 -19.08 21.06 9.71
CA PHE A 536 -20.30 20.28 9.54
C PHE A 536 -20.12 18.83 9.98
N ASN A 537 -18.87 18.36 10.06
CA ASN A 537 -18.64 16.97 10.43
C ASN A 537 -19.15 16.66 11.83
N ASN A 538 -19.04 17.61 12.76
CA ASN A 538 -19.56 17.40 14.11
C ASN A 538 -21.04 17.08 14.08
N CYS A 539 -21.75 17.52 13.04
CA CYS A 539 -23.17 17.20 12.91
C CYS A 539 -23.38 15.72 12.73
N LEU A 540 -22.57 15.06 11.90
CA LEU A 540 -22.83 13.68 11.52
C LEU A 540 -21.75 12.71 11.94
N ASN A 541 -20.80 13.14 12.77
CA ASN A 541 -19.93 12.15 13.42
C ASN A 541 -20.72 11.12 14.21
N PRO A 542 -21.76 11.47 14.98
CA PRO A 542 -22.59 10.43 15.60
C PRO A 542 -23.25 9.49 14.60
N LEU A 543 -23.61 10.00 13.42
CA LEU A 543 -24.35 9.17 12.46
C LEU A 543 -23.55 7.94 12.05
N PHE A 544 -22.22 8.05 11.96
CA PHE A 544 -21.41 6.88 11.68
C PHE A 544 -21.62 5.80 12.72
N TYR A 545 -21.64 6.18 14.00
CA TYR A 545 -21.95 5.22 15.05
C TYR A 545 -23.30 4.57 14.81
N GLY A 546 -24.26 5.34 14.29
CA GLY A 546 -25.57 4.80 14.01
C GLY A 546 -25.69 4.04 12.71
N PHE A 547 -24.64 4.03 11.89
CA PHE A 547 -24.63 3.28 10.65
C PHE A 547 -23.65 2.13 10.64
N LEU A 548 -22.48 2.31 11.27
CA LEU A 548 -21.45 1.30 11.32
C LEU A 548 -21.41 0.56 12.65
N GLY A 549 -22.37 0.82 13.54
CA GLY A 549 -22.39 0.19 14.84
C GLY A 549 -23.08 -1.17 14.84
N SER B 29 -3.55 42.68 2.06
CA SER B 29 -3.53 44.13 2.18
C SER B 29 -4.82 44.73 1.66
N TYR B 30 -4.71 45.95 1.11
CA TYR B 30 -5.84 46.66 0.51
C TYR B 30 -7.00 46.81 1.48
N TYR B 31 -6.69 47.07 2.74
CA TYR B 31 -7.71 47.22 3.76
C TYR B 31 -8.15 48.67 3.90
N ARG B 32 -9.35 48.85 4.43
CA ARG B 32 -9.85 50.19 4.73
C ARG B 32 -9.07 50.78 5.90
N MET B 33 -8.65 52.04 5.75
CA MET B 33 -7.81 52.70 6.74
C MET B 33 -8.66 53.60 7.64
N GLY B 34 -8.08 53.98 8.77
CA GLY B 34 -8.81 54.79 9.73
C GLY B 34 -7.91 55.35 10.81
N TRP B 35 -8.48 56.24 11.62
CA TRP B 35 -7.77 56.88 12.72
C TRP B 35 -8.71 56.98 13.91
N TYR B 36 -8.23 56.58 15.09
CA TYR B 36 -9.05 56.53 16.29
C TYR B 36 -8.37 57.30 17.41
N ARG B 37 -9.19 57.80 18.35
CA ARG B 37 -8.68 58.50 19.53
C ARG B 37 -8.65 57.56 20.73
N GLN B 38 -7.76 57.86 21.66
CA GLN B 38 -7.60 57.10 22.90
C GLN B 38 -7.54 58.05 24.08
N ALA B 39 -8.53 58.93 24.19
CA ALA B 39 -8.61 59.86 25.30
C ALA B 39 -9.60 59.37 26.36
N GLU B 43 -10.28 52.83 24.82
CA GLU B 43 -11.41 53.64 24.39
C GLU B 43 -11.66 53.48 22.90
N ARG B 44 -10.66 53.86 22.10
CA ARG B 44 -10.72 53.75 20.64
C ARG B 44 -11.97 54.46 20.08
N GLU B 45 -12.01 55.77 20.29
CA GLU B 45 -13.10 56.59 19.77
C GLU B 45 -12.86 56.86 18.29
N PHE B 46 -13.82 56.46 17.46
CA PHE B 46 -13.66 56.57 16.01
C PHE B 46 -13.68 58.02 15.57
N VAL B 47 -12.70 58.39 14.75
CA VAL B 47 -12.58 59.77 14.27
C VAL B 47 -12.61 59.81 12.75
N ALA B 48 -11.61 59.21 12.12
CA ALA B 48 -11.45 59.27 10.66
C ALA B 48 -11.62 57.88 10.07
N GLY B 49 -12.44 57.78 9.04
CA GLY B 49 -12.57 56.56 8.28
C GLY B 49 -12.56 56.82 6.79
N ILE B 50 -11.56 56.27 6.09
CA ILE B 50 -11.38 56.52 4.67
C ILE B 50 -11.16 55.19 3.95
N GLY B 51 -11.38 55.19 2.65
CA GLY B 51 -11.16 54.00 1.84
C GLY B 51 -9.69 53.71 1.60
N THR B 55 -15.34 55.98 2.17
CA THR B 55 -16.01 57.27 2.35
C THR B 55 -15.20 58.16 3.28
N THR B 56 -15.86 59.13 3.92
CA THR B 56 -15.20 60.06 4.82
C THR B 56 -16.06 60.28 6.07
N ASN B 57 -16.57 59.19 6.63
CA ASN B 57 -17.46 59.29 7.78
C ASN B 57 -16.64 59.70 8.99
N TYR B 58 -16.58 61.01 9.24
CA TYR B 58 -15.87 61.53 10.40
C TYR B 58 -16.80 61.60 11.61
N ALA B 59 -16.22 61.88 12.77
CA ALA B 59 -16.97 62.02 14.00
C ALA B 59 -17.62 63.41 14.04
N ASP B 60 -18.09 63.82 15.21
CA ASP B 60 -18.70 65.12 15.39
C ASP B 60 -17.70 66.27 15.30
N SER B 61 -16.44 66.01 14.94
CA SER B 61 -15.43 67.04 14.80
C SER B 61 -14.98 67.14 13.35
N VAL B 62 -14.42 68.29 13.00
CA VAL B 62 -13.98 68.55 11.63
C VAL B 62 -12.74 67.72 11.33
N LYS B 63 -11.65 68.00 12.05
CA LYS B 63 -10.40 67.24 11.94
C LYS B 63 -9.89 67.16 10.50
N GLY B 64 -10.08 68.24 9.75
CA GLY B 64 -9.61 68.27 8.37
C GLY B 64 -10.33 67.23 7.52
N ARG B 65 -9.62 66.75 6.50
CA ARG B 65 -10.15 65.72 5.62
C ARG B 65 -8.97 65.06 4.90
N PHE B 66 -9.20 63.82 4.46
CA PHE B 66 -8.21 63.12 3.65
C PHE B 66 -8.39 63.44 2.16
N LEU B 79 -2.10 66.27 9.44
CA LEU B 79 -2.81 67.03 8.42
C LEU B 79 -4.18 67.48 8.94
N GLN B 80 -4.49 67.08 10.16
CA GLN B 80 -5.74 67.45 10.79
C GLN B 80 -5.70 68.94 11.15
N MET B 81 -6.78 69.41 11.77
CA MET B 81 -6.87 70.82 12.17
C MET B 81 -5.83 71.12 13.23
N ASN B 82 -4.91 72.05 12.93
CA ASN B 82 -3.81 72.37 13.82
C ASN B 82 -4.16 73.39 14.89
N SER B 83 -5.41 73.86 14.93
CA SER B 83 -5.88 74.75 15.97
C SER B 83 -6.72 74.03 17.02
N LEU B 84 -6.66 72.70 17.05
CA LEU B 84 -7.46 71.93 17.99
C LEU B 84 -7.04 72.23 19.42
N LYS B 85 -8.00 72.14 20.34
CA LYS B 85 -7.77 72.39 21.76
C LYS B 85 -6.61 71.57 22.34
N VAL B 91 -3.55 60.09 21.41
CA VAL B 91 -2.81 59.25 20.49
C VAL B 91 -3.75 58.68 19.44
N TYR B 92 -3.33 58.73 18.19
CA TYR B 92 -4.14 58.30 17.06
C TYR B 92 -3.57 57.01 16.48
N TYR B 93 -4.44 56.01 16.29
CA TYR B 93 -4.04 54.69 15.82
C TYR B 93 -4.55 54.47 14.40
N CYS B 94 -3.67 53.96 13.53
CA CYS B 94 -4.03 53.68 12.15
C CYS B 94 -4.62 52.28 12.08
N ALA B 95 -5.92 52.19 11.78
CA ALA B 95 -6.64 50.93 11.79
C ALA B 95 -6.86 50.45 10.36
N ALA B 96 -6.42 49.23 10.08
CA ALA B 96 -6.56 48.61 8.77
C ALA B 96 -7.52 47.44 8.89
N TYR B 97 -8.80 47.72 8.69
CA TYR B 97 -9.86 46.74 8.87
C TYR B 97 -10.68 46.60 7.59
N ASN B 98 -11.05 45.37 7.26
CA ASN B 98 -11.90 45.13 6.11
C ASN B 98 -13.31 45.64 6.36
N TYR B 99 -14.01 45.97 5.26
CA TYR B 99 -15.33 46.56 5.36
C TYR B 99 -16.32 45.60 6.02
N PHE B 100 -16.32 44.35 5.60
CA PHE B 100 -17.22 43.33 6.13
C PHE B 100 -16.43 42.06 6.45
N PRO B 101 -16.88 41.29 7.43
CA PRO B 101 -16.18 40.04 7.76
C PRO B 101 -16.32 39.03 6.62
N ARG B 102 -15.18 38.52 6.15
CA ARG B 102 -15.21 37.52 5.10
C ARG B 102 -15.93 36.26 5.56
N SER B 103 -15.62 35.80 6.78
CA SER B 103 -16.34 34.69 7.38
C SER B 103 -16.71 35.06 8.80
N ILE B 104 -17.22 34.09 9.57
CA ILE B 104 -17.52 34.36 10.98
C ILE B 104 -16.26 34.68 11.76
N VAL B 105 -15.13 34.13 11.33
CA VAL B 105 -13.87 34.23 12.06
C VAL B 105 -12.95 35.27 11.42
N TYR B 106 -12.88 35.30 10.09
CA TYR B 106 -11.90 36.13 9.38
C TYR B 106 -12.31 37.59 9.45
N TYR B 107 -11.73 38.32 10.41
CA TYR B 107 -11.87 39.77 10.47
C TYR B 107 -10.67 40.28 11.25
N TYR B 108 -9.79 41.02 10.60
CA TYR B 108 -8.54 41.45 11.21
C TYR B 108 -8.46 42.96 11.27
N VAL B 109 -7.75 43.45 12.29
CA VAL B 109 -7.48 44.87 12.46
C VAL B 109 -5.99 45.02 12.77
N TYR B 110 -5.33 45.94 12.10
CA TYR B 110 -3.88 46.09 12.23
C TYR B 110 -3.48 46.99 13.40
N TRP B 111 -4.24 48.05 13.65
CA TRP B 111 -3.89 49.05 14.65
C TRP B 111 -2.46 49.54 14.50
N GLY B 112 -1.80 49.81 15.61
CA GLY B 112 -0.45 50.32 15.57
C GLY B 112 -0.40 51.79 15.20
N GLN B 113 0.81 52.23 14.84
CA GLN B 113 1.07 53.62 14.44
C GLN B 113 0.62 54.59 15.53
N GLY B 114 0.98 54.28 16.77
CA GLY B 114 0.65 55.16 17.88
C GLY B 114 1.43 56.47 17.83
N THR B 115 0.74 57.57 17.51
CA THR B 115 1.38 58.86 17.33
C THR B 115 0.51 59.94 17.97
N GLN B 116 0.84 60.32 19.21
CA GLN B 116 0.11 61.38 19.87
C GLN B 116 0.37 62.72 19.19
N VAL B 117 -0.68 63.52 19.07
CA VAL B 117 -0.57 64.84 18.46
C VAL B 117 -0.19 65.88 19.50
N GLU C 4 34.44 -25.69 -12.74
CA GLU C 4 34.78 -26.93 -13.42
C GLU C 4 33.56 -27.84 -13.53
N VAL C 5 32.44 -27.38 -12.96
CA VAL C 5 31.22 -28.17 -12.98
C VAL C 5 30.60 -28.10 -14.37
N GLN C 6 30.32 -29.27 -14.95
CA GLN C 6 29.76 -29.32 -16.29
C GLN C 6 29.09 -30.66 -16.51
N LEU C 7 28.27 -30.72 -17.57
CA LEU C 7 27.66 -31.96 -18.03
C LEU C 7 27.91 -32.10 -19.51
N VAL C 8 28.38 -33.27 -19.93
CA VAL C 8 28.67 -33.56 -21.33
C VAL C 8 27.75 -34.67 -21.79
N GLU C 9 27.45 -34.67 -23.09
CA GLU C 9 26.57 -35.65 -23.69
C GLU C 9 27.34 -36.51 -24.69
N SER C 10 26.91 -37.76 -24.83
CA SER C 10 27.55 -38.70 -25.73
C SER C 10 26.51 -39.68 -26.25
N GLY C 11 26.84 -40.35 -27.34
CA GLY C 11 25.97 -41.35 -27.93
C GLY C 11 25.05 -40.84 -29.02
N GLY C 12 25.00 -39.53 -29.24
CA GLY C 12 24.18 -39.02 -30.33
C GLY C 12 24.81 -39.25 -31.69
N GLY C 13 23.95 -39.44 -32.68
CA GLY C 13 24.43 -39.68 -34.04
C GLY C 13 23.29 -40.03 -34.95
N LEU C 14 23.66 -40.36 -36.19
CA LEU C 14 22.68 -40.75 -37.20
C LEU C 14 22.33 -42.22 -37.05
N VAL C 15 21.06 -42.52 -36.78
CA VAL C 15 20.58 -43.87 -36.65
C VAL C 15 19.28 -44.01 -37.46
N GLN C 16 19.00 -45.25 -37.84
CA GLN C 16 17.81 -45.51 -38.65
C GLN C 16 16.55 -45.33 -37.82
N PRO C 17 15.45 -44.92 -38.45
CA PRO C 17 14.19 -44.80 -37.71
C PRO C 17 13.70 -46.15 -37.21
N GLY C 18 13.01 -46.11 -36.07
CA GLY C 18 12.51 -47.32 -35.45
C GLY C 18 13.51 -48.08 -34.62
N GLY C 19 14.74 -47.58 -34.49
CA GLY C 19 15.77 -48.25 -33.73
C GLY C 19 15.83 -47.79 -32.29
N SER C 20 16.98 -48.06 -31.66
CA SER C 20 17.21 -47.71 -30.27
C SER C 20 18.46 -46.84 -30.15
N LEU C 21 18.43 -45.92 -29.19
CA LEU C 21 19.54 -45.04 -28.92
C LEU C 21 19.86 -45.04 -27.44
N ARG C 22 21.13 -44.82 -27.12
CA ARG C 22 21.59 -44.72 -25.73
C ARG C 22 22.36 -43.40 -25.59
N LEU C 23 21.69 -42.38 -25.09
CA LEU C 23 22.32 -41.08 -24.86
C LEU C 23 22.85 -41.02 -23.43
N SER C 24 24.15 -40.85 -23.28
CA SER C 24 24.78 -40.78 -21.98
C SER C 24 25.09 -39.34 -21.62
N CYS C 25 25.03 -39.05 -20.32
CA CYS C 25 25.29 -37.72 -19.79
C CYS C 25 26.27 -37.87 -18.63
N ALA C 26 27.50 -37.40 -18.83
CA ALA C 26 28.54 -37.48 -17.81
C ALA C 26 28.64 -36.16 -17.08
N ALA C 27 28.68 -36.24 -15.75
CA ALA C 27 28.69 -35.06 -14.88
C ALA C 27 30.05 -34.93 -14.22
N SER C 28 30.59 -33.72 -14.21
CA SER C 28 31.87 -33.45 -13.58
C SER C 28 31.74 -32.24 -12.66
N GLY C 29 32.40 -32.30 -11.51
CA GLY C 29 32.38 -31.22 -10.55
C GLY C 29 31.29 -31.29 -9.50
N PHE C 30 30.40 -32.28 -9.58
CA PHE C 30 29.34 -32.43 -8.59
C PHE C 30 28.91 -33.89 -8.57
N ASN C 31 28.18 -34.25 -7.52
CA ASN C 31 27.66 -35.60 -7.37
C ASN C 31 26.24 -35.68 -7.91
N VAL C 32 25.99 -36.69 -8.75
CA VAL C 32 24.65 -36.90 -9.29
C VAL C 32 23.64 -37.21 -8.20
N VAL C 33 24.08 -37.81 -7.09
CA VAL C 33 23.15 -38.14 -6.01
C VAL C 33 22.51 -36.89 -5.44
N ASP C 34 23.19 -35.75 -5.53
CA ASP C 34 22.69 -34.51 -4.94
C ASP C 34 21.86 -33.67 -5.91
N PHE C 35 21.65 -34.13 -7.14
CA PHE C 35 20.91 -33.38 -8.13
C PHE C 35 20.06 -34.32 -8.96
N SER C 36 19.06 -33.75 -9.62
CA SER C 36 18.20 -34.48 -10.54
C SER C 36 18.61 -34.14 -11.96
N LEU C 37 18.76 -35.15 -12.80
CA LEU C 37 19.23 -34.96 -14.17
C LEU C 37 18.04 -35.07 -15.11
N HIS C 38 17.76 -33.98 -15.82
CA HIS C 38 16.64 -33.89 -16.74
C HIS C 38 17.15 -33.93 -18.17
N TRP C 39 16.35 -34.47 -19.06
CA TRP C 39 16.63 -34.48 -20.49
C TRP C 39 15.59 -33.62 -21.18
N VAL C 40 16.07 -32.61 -21.90
CA VAL C 40 15.23 -31.63 -22.59
C VAL C 40 15.59 -31.66 -24.07
N ARG C 41 14.61 -31.87 -24.93
CA ARG C 41 14.86 -31.90 -26.36
C ARG C 41 14.54 -30.55 -26.98
N GLN C 42 15.19 -30.26 -28.10
CA GLN C 42 14.94 -29.05 -28.89
C GLN C 42 14.96 -29.45 -30.35
N ALA C 43 13.80 -29.38 -31.00
CA ALA C 43 13.73 -29.68 -32.42
C ALA C 43 14.44 -28.59 -33.22
N PRO C 44 14.98 -28.92 -34.39
CA PRO C 44 15.66 -27.89 -35.21
C PRO C 44 14.70 -26.78 -35.61
N GLY C 45 15.13 -25.55 -35.36
CA GLY C 45 14.27 -24.40 -35.63
C GLY C 45 13.03 -24.34 -34.78
N LYS C 46 13.11 -24.80 -33.53
CA LYS C 46 11.97 -24.83 -32.64
C LYS C 46 12.45 -24.70 -31.20
N GLY C 47 11.49 -24.51 -30.29
CA GLY C 47 11.80 -24.26 -28.89
C GLY C 47 12.15 -25.52 -28.13
N LEU C 48 12.43 -25.32 -26.84
CA LEU C 48 12.82 -26.42 -25.97
C LEU C 48 11.60 -27.19 -25.48
N GLU C 49 11.73 -28.51 -25.42
CA GLU C 49 10.68 -29.39 -24.92
C GLU C 49 11.28 -30.34 -23.89
N TRP C 50 10.64 -30.41 -22.73
CA TRP C 50 11.08 -31.28 -21.66
C TRP C 50 10.73 -32.72 -21.99
N VAL C 51 11.71 -33.62 -21.86
CA VAL C 51 11.55 -35.02 -22.27
C VAL C 51 11.41 -35.94 -21.06
N ALA C 52 12.38 -35.92 -20.15
CA ALA C 52 12.37 -36.88 -19.07
C ALA C 52 13.19 -36.32 -17.92
N TYR C 53 13.20 -37.04 -16.80
CA TYR C 53 14.06 -36.68 -15.68
C TYR C 53 14.28 -37.91 -14.81
N ILE C 54 15.37 -37.88 -14.05
CA ILE C 54 15.62 -38.90 -13.05
C ILE C 54 16.17 -38.23 -11.80
N SER C 55 15.62 -38.60 -10.65
CA SER C 55 16.15 -38.22 -9.35
C SER C 55 16.89 -39.43 -8.81
N SER C 56 18.23 -39.40 -8.89
CA SER C 56 19.03 -40.58 -8.61
C SER C 56 18.87 -41.04 -7.17
N SER C 57 18.84 -40.10 -6.23
CA SER C 57 18.71 -40.46 -4.81
C SER C 57 17.39 -41.18 -4.54
N SER C 58 16.28 -40.55 -4.95
CA SER C 58 14.97 -41.15 -4.75
C SER C 58 14.69 -42.29 -5.72
N GLY C 59 15.34 -42.29 -6.89
CA GLY C 59 15.08 -43.29 -7.91
C GLY C 59 13.87 -43.03 -8.76
N SER C 60 13.12 -41.96 -8.49
CA SER C 60 11.90 -41.67 -9.22
C SER C 60 12.22 -41.00 -10.55
N THR C 61 11.55 -41.46 -11.60
CA THR C 61 11.71 -40.93 -12.93
C THR C 61 10.35 -40.56 -13.49
N SER C 62 10.33 -39.61 -14.41
CA SER C 62 9.11 -39.20 -15.08
C SER C 62 9.43 -38.95 -16.55
N TYR C 63 8.37 -38.92 -17.37
CA TYR C 63 8.53 -38.71 -18.79
C TYR C 63 7.46 -37.75 -19.28
N ALA C 64 7.73 -37.12 -20.42
CA ALA C 64 6.74 -36.29 -21.08
C ALA C 64 5.70 -37.18 -21.76
N ASP C 65 4.48 -36.64 -21.90
CA ASP C 65 3.40 -37.44 -22.47
C ASP C 65 3.72 -37.88 -23.89
N SER C 66 4.43 -37.04 -24.65
CA SER C 66 4.75 -37.39 -26.03
C SER C 66 5.75 -38.53 -26.10
N VAL C 67 6.62 -38.68 -25.09
CA VAL C 67 7.64 -39.73 -25.07
C VAL C 67 7.36 -40.78 -24.03
N LYS C 68 6.24 -40.72 -23.33
CA LYS C 68 5.94 -41.69 -22.30
C LYS C 68 5.74 -43.07 -22.89
N GLY C 69 6.32 -44.08 -22.24
CA GLY C 69 6.19 -45.45 -22.68
C GLY C 69 7.18 -45.89 -23.73
N ARG C 70 8.03 -44.99 -24.22
CA ARG C 70 9.05 -45.32 -25.20
C ARG C 70 10.47 -45.14 -24.69
N PHE C 71 10.69 -44.25 -23.74
CA PHE C 71 12.02 -43.95 -23.23
C PHE C 71 12.21 -44.59 -21.86
N THR C 72 13.47 -44.84 -21.52
CA THR C 72 13.84 -45.39 -20.22
C THR C 72 15.06 -44.63 -19.72
N ILE C 73 14.89 -43.84 -18.67
CA ILE C 73 15.97 -43.03 -18.13
C ILE C 73 16.49 -43.70 -16.87
N SER C 74 17.81 -43.86 -16.77
CA SER C 74 18.44 -44.49 -15.63
C SER C 74 19.67 -43.67 -15.27
N ALA C 75 20.34 -44.06 -14.17
CA ALA C 75 21.54 -43.35 -13.76
C ALA C 75 22.42 -44.28 -12.95
N ASP C 76 23.73 -44.11 -13.12
CA ASP C 76 24.73 -44.78 -12.30
C ASP C 76 25.45 -43.72 -11.47
N THR C 77 25.38 -43.86 -10.15
CA THR C 77 25.98 -42.91 -9.24
C THR C 77 27.47 -43.16 -9.02
N SER C 78 27.98 -44.33 -9.41
CA SER C 78 29.40 -44.60 -9.26
C SER C 78 30.23 -43.68 -10.15
N LYS C 79 29.80 -43.50 -11.40
CA LYS C 79 30.49 -42.61 -12.34
C LYS C 79 29.79 -41.28 -12.51
N ASN C 80 28.73 -41.01 -11.75
CA ASN C 80 27.95 -39.78 -11.86
C ASN C 80 27.45 -39.57 -13.30
N THR C 81 26.78 -40.59 -13.82
CA THR C 81 26.31 -40.56 -15.20
C THR C 81 24.82 -40.87 -15.26
N ALA C 82 24.16 -40.31 -16.27
CA ALA C 82 22.77 -40.59 -16.59
C ALA C 82 22.68 -41.20 -17.98
N TYR C 83 21.63 -41.97 -18.21
CA TYR C 83 21.44 -42.65 -19.48
C TYR C 83 19.98 -42.52 -19.90
N LEU C 84 19.76 -42.28 -21.19
CA LEU C 84 18.43 -42.25 -21.77
C LEU C 84 18.38 -43.27 -22.89
N GLN C 85 17.49 -44.23 -22.79
CA GLN C 85 17.34 -45.30 -23.76
C GLN C 85 16.07 -45.04 -24.56
N MET C 86 16.21 -44.90 -25.87
CA MET C 86 15.10 -44.58 -26.76
C MET C 86 14.80 -45.79 -27.63
N ASN C 87 13.53 -46.18 -27.65
CA ASN C 87 13.07 -47.31 -28.45
C ASN C 87 11.92 -46.84 -29.34
N SER C 88 11.85 -47.45 -30.53
CA SER C 88 10.85 -47.09 -31.53
C SER C 88 10.90 -45.60 -31.85
N LEU C 89 12.06 -45.19 -32.39
CA LEU C 89 12.26 -43.80 -32.74
C LEU C 89 11.32 -43.38 -33.86
N ARG C 90 10.97 -42.09 -33.88
CA ARG C 90 10.04 -41.53 -34.84
C ARG C 90 10.67 -40.30 -35.49
N ALA C 91 9.91 -39.66 -36.37
CA ALA C 91 10.41 -38.48 -37.07
C ALA C 91 10.55 -37.29 -36.12
N GLU C 92 9.62 -37.17 -35.17
CA GLU C 92 9.66 -36.02 -34.25
C GLU C 92 10.84 -36.08 -33.29
N ASP C 93 11.40 -37.27 -33.04
CA ASP C 93 12.51 -37.39 -32.11
C ASP C 93 13.81 -36.82 -32.66
N THR C 94 13.85 -36.45 -33.94
CA THR C 94 15.02 -35.80 -34.51
C THR C 94 15.19 -34.43 -33.88
N ALA C 95 16.16 -34.30 -32.97
CA ALA C 95 16.31 -33.07 -32.21
C ALA C 95 17.66 -33.09 -31.50
N VAL C 96 17.97 -31.99 -30.84
CA VAL C 96 19.16 -31.87 -30.00
C VAL C 96 18.74 -32.07 -28.55
N TYR C 97 19.38 -33.02 -27.88
CA TYR C 97 19.04 -33.37 -26.50
C TYR C 97 20.07 -32.76 -25.56
N TYR C 98 19.57 -32.09 -24.52
CA TYR C 98 20.39 -31.45 -23.50
C TYR C 98 20.15 -32.13 -22.16
N CYS C 99 21.21 -32.29 -21.39
CA CYS C 99 21.17 -32.90 -20.07
C CYS C 99 21.29 -31.78 -19.04
N ALA C 100 20.16 -31.30 -18.55
CA ALA C 100 20.13 -30.24 -17.56
C ALA C 100 20.20 -30.81 -16.16
N ARG C 101 20.69 -29.99 -15.23
CA ARG C 101 20.85 -30.37 -13.83
C ARG C 101 19.99 -29.45 -12.97
N TRP C 102 19.18 -30.05 -12.10
CA TRP C 102 18.28 -29.28 -11.26
C TRP C 102 18.41 -29.74 -9.82
N GLY C 103 18.49 -28.79 -8.90
CA GLY C 103 18.75 -29.10 -7.50
C GLY C 103 17.64 -29.83 -6.77
N TYR C 104 17.68 -29.81 -5.44
CA TYR C 104 16.75 -30.55 -4.61
C TYR C 104 16.08 -29.63 -3.61
N TRP C 105 14.77 -29.83 -3.43
CA TRP C 105 14.06 -29.11 -2.39
C TRP C 105 14.54 -29.57 -1.01
N PRO C 106 14.65 -28.66 -0.04
CA PRO C 106 14.38 -27.22 -0.09
C PRO C 106 15.61 -26.40 -0.38
N GLY C 107 15.45 -25.08 -0.42
CA GLY C 107 16.58 -24.18 -0.52
C GLY C 107 16.75 -23.62 -1.92
N GLU C 108 17.79 -22.82 -2.06
CA GLU C 108 18.16 -22.17 -3.30
C GLU C 108 18.63 -23.13 -4.40
N PRO C 109 19.18 -24.31 -4.07
CA PRO C 109 19.46 -25.27 -5.16
C PRO C 109 18.24 -25.62 -5.99
N TRP C 110 17.06 -25.70 -5.38
CA TRP C 110 15.86 -25.99 -6.16
C TRP C 110 15.46 -24.81 -7.02
N TRP C 111 15.57 -23.59 -6.49
CA TRP C 111 15.12 -22.41 -7.22
C TRP C 111 16.01 -22.07 -8.40
N LYS C 112 17.21 -22.62 -8.48
CA LYS C 112 18.07 -22.42 -9.64
C LYS C 112 17.79 -23.55 -10.64
N ALA C 113 16.68 -23.42 -11.33
CA ALA C 113 16.23 -24.47 -12.24
C ALA C 113 17.15 -24.55 -13.43
N PHE C 114 17.72 -25.74 -13.66
CA PHE C 114 18.57 -25.99 -14.83
C PHE C 114 19.68 -24.94 -14.92
N ASP C 115 20.39 -24.76 -13.80
CA ASP C 115 21.47 -23.78 -13.78
C ASP C 115 22.58 -24.17 -14.75
N TYR C 116 22.94 -25.45 -14.78
CA TYR C 116 24.00 -25.94 -15.67
C TYR C 116 23.40 -26.94 -16.64
N TRP C 117 23.37 -26.56 -17.92
CA TRP C 117 22.92 -27.46 -18.98
C TRP C 117 24.08 -28.26 -19.55
N GLY C 118 23.75 -29.25 -20.36
CA GLY C 118 24.75 -30.00 -21.09
C GLY C 118 24.99 -29.43 -22.47
N GLN C 119 26.02 -29.94 -23.13
CA GLN C 119 26.37 -29.48 -24.47
C GLN C 119 25.26 -29.82 -25.47
N GLY C 120 24.63 -30.98 -25.32
CA GLY C 120 23.56 -31.38 -26.21
C GLY C 120 24.06 -32.15 -27.43
N THR C 121 23.42 -33.27 -27.73
CA THR C 121 23.77 -34.10 -28.88
C THR C 121 22.60 -34.18 -29.83
N LEU C 122 22.89 -34.10 -31.13
CA LEU C 122 21.87 -34.14 -32.16
C LEU C 122 21.60 -35.58 -32.58
N VAL C 123 20.33 -35.96 -32.63
CA VAL C 123 19.90 -37.27 -33.10
C VAL C 123 18.93 -37.07 -34.24
N THR C 124 19.14 -37.81 -35.33
CA THR C 124 18.32 -37.73 -36.53
C THR C 124 17.88 -39.13 -36.93
N VAL C 125 16.74 -39.20 -37.61
CA VAL C 125 16.21 -40.47 -38.08
C VAL C 125 16.12 -40.48 -39.59
N ASP D 1 -0.42 -29.93 -16.21
CA ASP D 1 -0.24 -29.36 -17.54
C ASP D 1 -0.40 -27.85 -17.50
N ILE D 2 0.70 -27.14 -17.29
CA ILE D 2 0.71 -25.68 -17.22
C ILE D 2 1.40 -25.16 -18.47
N GLN D 3 0.74 -24.27 -19.18
CA GLN D 3 1.21 -23.80 -20.47
C GLN D 3 1.75 -22.37 -20.33
N MET D 4 2.96 -22.15 -20.83
CA MET D 4 3.57 -20.83 -20.84
C MET D 4 3.47 -20.24 -22.23
N THR D 5 3.04 -18.99 -22.32
CA THR D 5 2.88 -18.30 -23.59
C THR D 5 3.65 -16.99 -23.56
N GLN D 6 4.44 -16.74 -24.60
CA GLN D 6 5.19 -15.50 -24.74
C GLN D 6 4.56 -14.67 -25.86
N SER D 7 4.31 -13.40 -25.57
CA SER D 7 3.68 -12.51 -26.53
C SER D 7 4.65 -12.04 -27.62
N PRO D 8 5.84 -11.49 -27.26
CA PRO D 8 6.75 -11.02 -28.32
C PRO D 8 7.47 -12.16 -29.02
N SER D 9 6.83 -12.74 -30.04
CA SER D 9 7.44 -13.85 -30.76
C SER D 9 8.75 -13.43 -31.41
N SER D 10 8.79 -12.23 -32.00
CA SER D 10 10.00 -11.68 -32.59
C SER D 10 10.22 -10.28 -32.05
N LEU D 11 11.46 -9.98 -31.66
CA LEU D 11 11.82 -8.69 -31.10
C LEU D 11 13.04 -8.15 -31.81
N SER D 12 13.02 -6.86 -32.14
CA SER D 12 14.13 -6.19 -32.80
C SER D 12 14.39 -4.86 -32.12
N ALA D 13 15.65 -4.60 -31.80
CA ALA D 13 16.03 -3.36 -31.12
C ALA D 13 17.50 -3.08 -31.38
N SER D 14 17.89 -1.83 -31.14
CA SER D 14 19.26 -1.39 -31.35
C SER D 14 20.06 -1.48 -30.06
N VAL D 15 21.36 -1.25 -30.17
CA VAL D 15 22.25 -1.30 -29.01
C VAL D 15 21.91 -0.16 -28.07
N GLY D 16 21.79 -0.47 -26.78
CA GLY D 16 21.47 0.52 -25.78
C GLY D 16 19.99 0.72 -25.51
N ASP D 17 19.12 0.03 -26.23
CA ASP D 17 17.68 0.16 -26.05
C ASP D 17 17.20 -0.79 -24.96
N ARG D 18 15.98 -0.52 -24.48
CA ARG D 18 15.36 -1.31 -23.43
C ARG D 18 14.28 -2.19 -24.03
N VAL D 19 14.30 -3.49 -23.71
CA VAL D 19 13.34 -4.45 -24.23
C VAL D 19 12.71 -5.21 -23.08
N THR D 20 11.51 -5.73 -23.34
CA THR D 20 10.71 -6.41 -22.32
C THR D 20 10.00 -7.60 -22.95
N ILE D 21 10.13 -8.76 -22.33
CA ILE D 21 9.46 -9.98 -22.76
C ILE D 21 8.49 -10.41 -21.67
N THR D 22 7.24 -10.61 -22.06
CA THR D 22 6.17 -10.99 -21.13
C THR D 22 5.77 -12.43 -21.37
N CYS D 23 5.70 -13.21 -20.29
CA CYS D 23 5.36 -14.63 -20.34
C CYS D 23 4.24 -14.88 -19.36
N ARG D 24 3.20 -15.59 -19.79
CA ARG D 24 2.02 -15.83 -18.98
C ARG D 24 1.81 -17.32 -18.83
N ALA D 25 1.52 -17.76 -17.61
CA ALA D 25 1.30 -19.16 -17.32
C ALA D 25 -0.19 -19.48 -17.37
N SER D 26 -0.49 -20.74 -17.70
CA SER D 26 -1.88 -21.17 -17.73
C SER D 26 -2.54 -21.12 -16.35
N GLN D 27 -1.74 -21.19 -15.28
CA GLN D 27 -2.26 -21.09 -13.93
C GLN D 27 -1.14 -20.59 -13.04
N SER D 28 -1.45 -20.42 -11.75
CA SER D 28 -0.46 -19.92 -10.81
C SER D 28 0.65 -20.95 -10.61
N VAL D 29 1.89 -20.49 -10.76
CA VAL D 29 3.07 -21.32 -10.56
C VAL D 29 4.00 -20.71 -9.52
N SER D 30 3.49 -19.79 -8.71
CA SER D 30 4.28 -19.07 -7.72
C SER D 30 5.38 -18.31 -8.46
N SER D 31 6.53 -18.12 -7.82
CA SER D 31 7.68 -17.49 -8.46
C SER D 31 8.54 -18.50 -9.19
N ALA D 32 7.98 -19.66 -9.55
CA ALA D 32 8.73 -20.72 -10.21
C ALA D 32 8.73 -20.50 -11.71
N VAL D 33 9.40 -19.44 -12.13
CA VAL D 33 9.57 -19.12 -13.54
C VAL D 33 11.00 -18.65 -13.77
N ALA D 34 11.79 -19.43 -14.48
CA ALA D 34 13.17 -19.10 -14.78
C ALA D 34 13.28 -18.57 -16.20
N TRP D 35 14.28 -17.71 -16.41
CA TRP D 35 14.55 -17.11 -17.70
C TRP D 35 15.93 -17.55 -18.18
N TYR D 36 15.97 -18.16 -19.37
CA TYR D 36 17.18 -18.65 -20.00
C TYR D 36 17.44 -17.91 -21.30
N GLN D 37 18.73 -17.77 -21.62
CA GLN D 37 19.17 -17.19 -22.89
C GLN D 37 19.94 -18.25 -23.66
N GLN D 38 19.50 -18.52 -24.90
CA GLN D 38 20.14 -19.50 -25.77
C GLN D 38 20.66 -18.80 -27.02
N LYS D 39 21.97 -18.84 -27.20
CA LYS D 39 22.59 -18.38 -28.43
C LYS D 39 22.44 -19.45 -29.52
N PRO D 40 22.38 -19.06 -30.79
CA PRO D 40 22.22 -20.04 -31.86
C PRO D 40 23.40 -20.99 -31.92
N GLY D 41 23.11 -22.29 -31.86
CA GLY D 41 24.15 -23.30 -31.86
C GLY D 41 24.82 -23.54 -30.53
N LYS D 42 24.27 -23.05 -29.44
CA LYS D 42 24.85 -23.23 -28.12
C LYS D 42 23.76 -23.56 -27.12
N ALA D 43 24.17 -24.20 -26.02
CA ALA D 43 23.23 -24.58 -24.98
C ALA D 43 22.70 -23.34 -24.26
N PRO D 44 21.48 -23.41 -23.73
CA PRO D 44 20.93 -22.26 -23.00
C PRO D 44 21.68 -22.00 -21.71
N LYS D 45 21.62 -20.75 -21.26
CA LYS D 45 22.22 -20.33 -20.01
C LYS D 45 21.16 -19.70 -19.13
N LEU D 46 21.13 -20.10 -17.86
CA LEU D 46 20.15 -19.55 -16.94
C LEU D 46 20.50 -18.10 -16.61
N LEU D 47 19.52 -17.21 -16.77
CA LEU D 47 19.68 -15.80 -16.42
C LEU D 47 18.97 -15.43 -15.12
N ILE D 48 17.72 -15.86 -14.96
CA ILE D 48 16.95 -15.52 -13.77
C ILE D 48 16.36 -16.79 -13.20
N TYR D 49 16.66 -17.09 -11.93
CA TYR D 49 16.29 -18.39 -11.40
C TYR D 49 14.98 -18.39 -10.61
N SER D 50 14.70 -17.37 -9.82
CA SER D 50 13.34 -17.21 -9.33
C SER D 50 12.57 -16.46 -10.40
N ALA D 51 11.37 -15.97 -10.08
CA ALA D 51 10.69 -15.11 -11.04
C ALA D 51 11.49 -13.83 -11.27
N SER D 52 12.09 -13.29 -10.21
CA SER D 52 12.75 -11.99 -10.26
C SER D 52 14.07 -11.99 -9.49
N SER D 53 14.85 -13.06 -9.61
CA SER D 53 16.13 -13.15 -8.92
C SER D 53 17.23 -13.44 -9.93
N LEU D 54 18.23 -12.57 -9.98
CA LEU D 54 19.26 -12.65 -11.00
C LEU D 54 20.25 -13.75 -10.68
N TYR D 55 20.57 -14.58 -11.68
CA TYR D 55 21.53 -15.65 -11.49
C TYR D 55 22.94 -15.08 -11.39
N SER D 56 23.78 -15.78 -10.61
CA SER D 56 25.14 -15.30 -10.39
C SER D 56 25.97 -15.44 -11.66
N GLY D 57 26.76 -14.40 -11.95
CA GLY D 57 27.68 -14.40 -13.07
C GLY D 57 27.16 -13.71 -14.31
N VAL D 58 25.84 -13.55 -14.45
CA VAL D 58 25.28 -12.88 -15.61
C VAL D 58 25.33 -11.37 -15.38
N PRO D 59 25.33 -10.56 -16.44
CA PRO D 59 25.38 -9.11 -16.23
C PRO D 59 24.15 -8.60 -15.49
N SER D 60 24.35 -7.53 -14.72
CA SER D 60 23.30 -6.99 -13.88
C SER D 60 22.21 -6.26 -14.65
N ARG D 61 22.38 -6.07 -15.96
CA ARG D 61 21.39 -5.34 -16.74
C ARG D 61 20.06 -6.09 -16.82
N PHE D 62 20.09 -7.42 -16.72
CA PHE D 62 18.88 -8.22 -16.81
C PHE D 62 18.09 -8.13 -15.51
N SER D 63 16.78 -7.97 -15.63
CA SER D 63 15.91 -7.92 -14.45
C SER D 63 14.66 -8.75 -14.72
N GLY D 64 14.04 -9.23 -13.64
CA GLY D 64 12.80 -9.95 -13.75
C GLY D 64 11.76 -9.34 -12.82
N SER D 65 10.50 -9.62 -13.13
CA SER D 65 9.41 -9.15 -12.32
C SER D 65 8.24 -10.11 -12.42
N ARG D 66 7.52 -10.28 -11.32
CA ARG D 66 6.33 -11.12 -11.28
C ARG D 66 5.13 -10.27 -10.87
N SER D 67 4.03 -10.42 -11.59
CA SER D 67 2.77 -9.75 -11.28
C SER D 67 1.68 -10.80 -11.48
N GLY D 68 1.33 -11.50 -10.42
CA GLY D 68 0.36 -12.57 -10.53
C GLY D 68 0.87 -13.69 -11.42
N THR D 69 0.30 -13.80 -12.62
CA THR D 69 0.73 -14.80 -13.59
C THR D 69 1.48 -14.17 -14.77
N ASP D 70 1.89 -12.91 -14.65
CA ASP D 70 2.63 -12.22 -15.70
C ASP D 70 4.08 -12.07 -15.27
N PHE D 71 4.99 -12.71 -15.99
CA PHE D 71 6.41 -12.67 -15.67
C PHE D 71 7.14 -11.90 -16.76
N THR D 72 7.89 -10.88 -16.37
CA THR D 72 8.51 -9.95 -17.29
C THR D 72 10.02 -10.00 -17.16
N LEU D 73 10.70 -10.19 -18.28
CA LEU D 73 12.15 -10.08 -18.37
C LEU D 73 12.50 -8.76 -19.05
N THR D 74 13.29 -7.94 -18.38
CA THR D 74 13.62 -6.59 -18.87
C THR D 74 15.12 -6.46 -19.05
N ILE D 75 15.50 -5.88 -20.19
CA ILE D 75 16.89 -5.57 -20.51
C ILE D 75 17.00 -4.08 -20.75
N SER D 76 17.90 -3.42 -20.02
CA SER D 76 18.02 -1.97 -20.09
C SER D 76 19.11 -1.54 -21.08
N SER D 77 20.35 -1.96 -20.85
CA SER D 77 21.49 -1.57 -21.68
C SER D 77 21.78 -2.71 -22.64
N LEU D 78 21.07 -2.74 -23.76
CA LEU D 78 21.19 -3.84 -24.71
C LEU D 78 22.52 -3.79 -25.45
N GLN D 79 23.52 -4.49 -24.92
CA GLN D 79 24.81 -4.60 -25.58
C GLN D 79 24.69 -5.56 -26.76
N PRO D 80 25.65 -5.52 -27.69
CA PRO D 80 25.57 -6.40 -28.87
C PRO D 80 25.66 -7.89 -28.56
N GLU D 81 25.77 -8.29 -27.31
CA GLU D 81 25.82 -9.69 -26.93
C GLU D 81 24.46 -10.23 -26.47
N ASP D 82 23.39 -9.44 -26.63
CA ASP D 82 22.06 -9.83 -26.18
C ASP D 82 21.16 -10.25 -27.33
N PHE D 83 21.73 -10.57 -28.50
CA PHE D 83 20.95 -10.95 -29.67
C PHE D 83 20.91 -12.47 -29.75
N ALA D 84 20.07 -13.05 -28.90
CA ALA D 84 19.86 -14.50 -28.86
C ALA D 84 18.38 -14.74 -28.56
N THR D 85 18.03 -15.99 -28.30
CA THR D 85 16.66 -16.36 -27.99
C THR D 85 16.47 -16.43 -26.48
N TYR D 86 15.28 -16.10 -26.02
CA TYR D 86 14.97 -16.07 -24.60
C TYR D 86 13.77 -16.96 -24.31
N TYR D 87 13.89 -17.78 -23.28
CA TYR D 87 12.85 -18.74 -22.90
C TYR D 87 12.45 -18.54 -21.45
N CYS D 88 11.15 -18.62 -21.19
CA CYS D 88 10.60 -18.69 -19.84
C CYS D 88 10.20 -20.12 -19.56
N GLN D 89 10.72 -20.67 -18.46
CA GLN D 89 10.43 -22.05 -18.06
C GLN D 89 9.68 -22.03 -16.74
N GLN D 90 8.48 -22.55 -16.74
CA GLN D 90 7.80 -22.84 -15.49
C GLN D 90 8.33 -24.16 -14.96
N TYR D 91 8.91 -24.11 -13.76
CA TYR D 91 9.51 -25.28 -13.15
C TYR D 91 8.87 -25.57 -11.80
N LEU D 92 7.53 -25.52 -11.74
CA LEU D 92 6.83 -25.70 -10.48
C LEU D 92 7.15 -27.05 -9.85
N TYR D 93 7.29 -28.09 -10.67
CA TYR D 93 7.63 -29.41 -10.17
C TYR D 93 8.48 -30.10 -11.22
N TYR D 94 9.18 -31.15 -10.79
CA TYR D 94 10.15 -31.80 -11.66
C TYR D 94 9.52 -32.32 -12.95
N SER D 95 8.35 -32.92 -12.86
CA SER D 95 7.67 -33.47 -14.02
C SER D 95 6.72 -32.47 -14.67
N LEU D 96 6.70 -31.23 -14.21
CA LEU D 96 5.78 -30.21 -14.70
C LEU D 96 6.50 -29.08 -15.40
N VAL D 97 7.69 -29.35 -15.94
CA VAL D 97 8.53 -28.31 -16.54
C VAL D 97 7.99 -27.99 -17.92
N THR D 98 7.71 -26.71 -18.17
CA THR D 98 7.23 -26.29 -19.49
C THR D 98 7.93 -25.00 -19.89
N PHE D 99 8.57 -25.02 -21.06
CA PHE D 99 9.25 -23.85 -21.60
C PHE D 99 8.31 -23.03 -22.46
N GLY D 100 8.67 -21.77 -22.66
CA GLY D 100 7.90 -20.90 -23.52
C GLY D 100 8.23 -21.11 -24.99
N GLN D 101 7.46 -20.43 -25.84
CA GLN D 101 7.66 -20.57 -27.28
C GLN D 101 8.99 -19.98 -27.72
N GLY D 102 9.39 -18.85 -27.14
CA GLY D 102 10.67 -18.24 -27.47
C GLY D 102 10.57 -16.81 -27.91
N THR D 103 11.67 -16.07 -27.81
CA THR D 103 11.74 -14.68 -28.22
C THR D 103 13.18 -14.36 -28.55
N LYS D 104 13.45 -14.02 -29.82
CA LYS D 104 14.80 -13.75 -30.29
C LYS D 104 14.98 -12.26 -30.50
N VAL D 105 16.10 -11.72 -29.99
CA VAL D 105 16.41 -10.31 -30.13
C VAL D 105 17.19 -10.11 -31.41
N GLU D 106 16.67 -9.24 -32.29
CA GLU D 106 17.29 -8.97 -33.57
C GLU D 106 17.76 -7.52 -33.62
N ILE D 107 18.61 -7.23 -34.60
CA ILE D 107 19.16 -5.89 -34.77
C ILE D 107 18.17 -5.07 -35.58
N LYS D 108 17.69 -3.97 -35.02
CA LYS D 108 16.73 -3.12 -35.68
C LYS D 108 17.41 -2.29 -36.77
N ARG D 109 16.81 -2.25 -37.94
CA ARG D 109 17.35 -1.49 -39.06
C ARG D 109 16.30 -0.56 -39.65
#